data_3O5N
#
_entry.id   3O5N
#
_cell.length_a   55.954
_cell.length_b   64.063
_cell.length_c   101.924
_cell.angle_alpha   90.00
_cell.angle_beta   90.09
_cell.angle_gamma   90.00
#
_symmetry.space_group_name_H-M   'P 1 21 1'
#
loop_
_entity.id
_entity.type
_entity.pdbx_description
1 polymer 'SH3 and multiple ankyrin repeat domains protein 3'
2 non-polymer '(3aS,4R,9bR)-9-nitro-3a,4,5,9b-tetrahydro-3H-cyclopenta[c]quinoline-4,6-dicarboxylic acid'
3 water water
#
_entity_poly.entity_id   1
_entity_poly.type   'polypeptide(L)'
_entity_poly.pdbx_seq_one_letter_code
;GAASSDYVIDDKVAILQKRDHEGFGFVLRGAKAETPIEEFTPTPAFPALQYLESVDVEGVAWRAGLRTGDFLIEVNGVNV
VKVGHKQVVGLIRQGGNRLVMKVVSVTRKPEE
;
_entity_poly.pdbx_strand_id   A,B,C,D,E,F,G,H
#
# COMPACT_ATOMS: atom_id res chain seq x y z
N SER A 5 -18.56 1.20 2.20
CA SER A 5 -17.51 1.09 3.22
C SER A 5 -16.96 2.47 3.54
N ASP A 6 -17.84 3.46 3.64
CA ASP A 6 -17.43 4.81 4.05
C ASP A 6 -18.49 5.44 4.95
N TYR A 7 -18.09 6.52 5.62
CA TYR A 7 -18.89 7.24 6.60
C TYR A 7 -19.36 8.50 5.88
N VAL A 8 -20.67 8.65 5.68
CA VAL A 8 -21.21 9.89 5.08
C VAL A 8 -21.68 10.73 6.27
N ILE A 9 -21.20 11.98 6.29
CA ILE A 9 -21.40 12.90 7.40
C ILE A 9 -22.25 14.02 6.80
N ASP A 10 -23.43 14.22 7.37
CA ASP A 10 -24.35 15.27 6.94
C ASP A 10 -24.51 16.31 8.05
N ASP A 11 -23.97 17.50 7.85
CA ASP A 11 -24.09 18.58 8.80
C ASP A 11 -25.41 19.30 8.59
N LYS A 12 -26.24 19.37 9.63
CA LYS A 12 -27.58 20.02 9.53
C LYS A 12 -27.86 21.10 10.59
N VAL A 13 -28.58 22.15 10.21
CA VAL A 13 -29.20 23.10 11.18
C VAL A 13 -30.65 22.71 11.45
N ALA A 14 -30.96 22.45 12.72
CA ALA A 14 -32.34 22.14 13.13
C ALA A 14 -32.88 23.30 13.96
N ILE A 15 -33.97 23.91 13.49
CA ILE A 15 -34.70 24.99 14.22
C ILE A 15 -35.98 24.42 14.81
N LEU A 16 -36.00 24.25 16.11
CA LEU A 16 -37.22 23.74 16.76
C LEU A 16 -37.99 24.91 17.40
N GLN A 17 -39.25 25.14 16.97
CA GLN A 17 -40.22 26.09 17.58
C GLN A 17 -41.48 25.31 17.94
N LYS A 18 -41.68 25.13 19.22
CA LYS A 18 -42.81 24.36 19.69
C LYS A 18 -43.82 25.32 20.33
N ARG A 19 -45.01 24.83 20.62
CA ARG A 19 -45.99 25.57 21.42
C ARG A 19 -45.89 25.11 22.85
N ASP A 20 -46.32 25.98 23.77
CA ASP A 20 -46.31 25.66 25.19
C ASP A 20 -47.00 24.35 25.58
N HIS A 21 -47.73 23.73 24.64
CA HIS A 21 -48.43 22.45 24.86
C HIS A 21 -47.83 21.24 24.12
N GLU A 22 -46.54 21.29 23.85
CA GLU A 22 -45.84 20.12 23.27
C GLU A 22 -44.40 20.08 23.74
N GLY A 23 -43.77 18.92 23.65
CA GLY A 23 -42.33 18.79 23.90
C GLY A 23 -41.59 18.88 22.58
N PHE A 24 -40.25 18.84 22.66
CA PHE A 24 -39.46 18.96 21.47
C PHE A 24 -39.43 17.67 20.63
N GLY A 25 -39.91 16.55 21.19
CA GLY A 25 -40.12 15.30 20.42
C GLY A 25 -38.86 14.52 20.06
N PHE A 26 -37.93 14.49 20.99
CA PHE A 26 -36.69 13.72 20.88
C PHE A 26 -36.20 13.32 22.27
N VAL A 27 -35.36 12.30 22.37
CA VAL A 27 -34.75 11.96 23.66
C VAL A 27 -33.24 12.08 23.55
N LEU A 28 -32.64 12.71 24.54
CA LEU A 28 -31.21 12.97 24.56
C LEU A 28 -30.49 12.03 25.55
N ARG A 29 -29.29 11.57 25.18
CA ARG A 29 -28.39 10.88 26.10
C ARG A 29 -27.07 10.57 25.42
N GLY A 30 -26.62 9.33 25.55
CA GLY A 30 -25.31 8.89 25.10
C GLY A 30 -24.16 9.79 25.55
N ILE A 37 -18.30 17.34 30.56
CA ILE A 37 -17.21 16.66 29.83
C ILE A 37 -17.09 15.22 30.32
N GLU A 38 -16.75 14.30 29.43
CA GLU A 38 -16.33 12.95 29.84
C GLU A 38 -14.98 12.65 29.19
N GLU A 39 -14.48 13.68 28.51
CA GLU A 39 -13.05 13.83 28.12
C GLU A 39 -12.51 12.77 27.13
N PHE A 40 -13.18 12.72 25.97
CA PHE A 40 -13.03 11.72 24.89
C PHE A 40 -12.51 12.39 23.61
N THR A 41 -12.26 11.59 22.55
CA THR A 41 -11.96 12.12 21.20
C THR A 41 -13.00 11.76 20.12
N PRO A 42 -13.59 12.79 19.45
CA PRO A 42 -14.56 12.58 18.38
C PRO A 42 -14.03 11.64 17.30
N THR A 43 -14.87 10.73 16.88
CA THR A 43 -14.55 9.75 15.81
C THR A 43 -15.75 9.69 14.84
N PRO A 44 -15.57 9.17 13.62
CA PRO A 44 -16.74 9.28 12.73
C PRO A 44 -17.95 8.57 13.35
N ALA A 45 -17.71 7.41 13.96
CA ALA A 45 -18.74 6.63 14.63
C ALA A 45 -19.44 7.36 15.78
N PHE A 46 -18.71 8.15 16.56
CA PHE A 46 -19.26 8.90 17.67
C PHE A 46 -18.70 10.33 17.68
N PRO A 47 -19.19 11.24 16.82
CA PRO A 47 -18.40 12.47 16.70
C PRO A 47 -18.68 13.47 17.84
N ALA A 48 -19.58 13.11 18.74
CA ALA A 48 -19.81 13.96 19.90
C ALA A 48 -20.29 13.22 21.13
N LEU A 49 -20.28 13.93 22.26
CA LEU A 49 -20.68 13.40 23.54
C LEU A 49 -22.20 13.17 23.66
N GLN A 50 -23.01 14.07 23.10
CA GLN A 50 -24.50 13.93 23.19
C GLN A 50 -25.14 13.54 21.86
N TYR A 51 -26.03 12.55 21.91
CA TYR A 51 -26.80 12.22 20.73
C TYR A 51 -28.28 11.93 21.01
N LEU A 52 -29.09 11.84 19.95
CA LEU A 52 -30.51 11.56 20.08
C LEU A 52 -30.76 10.10 20.28
N GLU A 53 -31.31 9.73 21.44
CA GLU A 53 -31.78 8.37 21.66
C GLU A 53 -33.06 8.04 20.88
N SER A 54 -33.95 9.03 20.70
CA SER A 54 -35.17 8.88 19.88
C SER A 54 -35.61 10.21 19.32
N VAL A 55 -36.32 10.17 18.19
CA VAL A 55 -37.05 11.31 17.62
C VAL A 55 -38.43 10.87 17.12
N ASP A 56 -39.48 11.53 17.63
CA ASP A 56 -40.87 11.21 17.31
C ASP A 56 -41.25 11.54 15.86
N VAL A 57 -41.53 10.49 15.08
CA VAL A 57 -41.88 10.58 13.65
C VAL A 57 -43.00 11.61 13.38
N GLU A 58 -42.90 12.31 12.25
CA GLU A 58 -43.95 13.20 11.73
C GLU A 58 -44.92 13.55 12.84
N GLY A 59 -44.50 14.45 13.73
CA GLY A 59 -45.25 14.68 14.95
C GLY A 59 -44.52 15.40 16.07
N VAL A 60 -43.27 15.81 15.81
CA VAL A 60 -42.62 16.95 16.50
C VAL A 60 -41.47 17.40 15.61
N ALA A 61 -40.46 18.03 16.20
CA ALA A 61 -39.13 18.22 15.63
C ALA A 61 -38.95 17.58 14.24
N TRP A 62 -38.89 16.24 14.18
CA TRP A 62 -38.85 15.46 12.92
C TRP A 62 -39.15 16.32 11.68
N ARG A 63 -40.15 17.18 11.85
CA ARG A 63 -40.55 18.20 10.87
C ARG A 63 -39.52 19.32 10.74
N ALA A 64 -38.56 19.34 11.66
CA ALA A 64 -37.41 20.24 11.67
C ALA A 64 -36.19 19.59 11.02
N GLY A 65 -36.35 18.32 10.61
CA GLY A 65 -35.33 17.59 9.86
C GLY A 65 -34.38 16.66 10.64
N LEU A 66 -34.63 16.55 11.95
CA LEU A 66 -33.82 15.71 12.85
C LEU A 66 -34.24 14.26 12.89
N ARG A 67 -33.28 13.38 13.23
CA ARG A 67 -33.52 11.94 13.29
C ARG A 67 -32.73 11.20 14.37
N THR A 68 -33.11 9.94 14.63
CA THR A 68 -32.42 9.14 15.63
C THR A 68 -30.98 8.94 15.22
N GLY A 69 -30.09 9.08 16.18
CA GLY A 69 -28.64 8.95 15.98
C GLY A 69 -27.93 10.25 15.73
N ASP A 70 -28.68 11.32 15.47
CA ASP A 70 -28.06 12.64 15.25
C ASP A 70 -27.22 13.07 16.43
N PHE A 71 -26.05 13.59 16.12
CA PHE A 71 -25.06 14.02 17.11
C PHE A 71 -25.02 15.55 17.37
N LEU A 72 -25.18 15.94 18.64
CA LEU A 72 -25.22 17.40 18.93
C LEU A 72 -23.86 18.14 18.85
N ILE A 73 -23.80 19.14 17.98
CA ILE A 73 -22.61 19.98 17.76
C ILE A 73 -22.72 21.32 18.50
N GLU A 74 -23.83 22.01 18.26
CA GLU A 74 -24.18 23.32 18.89
C GLU A 74 -25.63 23.31 19.37
N VAL A 75 -25.84 23.95 20.53
CA VAL A 75 -27.17 24.26 21.02
C VAL A 75 -27.21 25.76 21.29
N ASN A 76 -28.11 26.44 20.59
CA ASN A 76 -28.40 27.89 20.74
C ASN A 76 -27.12 28.75 20.71
N GLY A 77 -26.28 28.50 19.70
CA GLY A 77 -24.97 29.17 19.52
C GLY A 77 -23.79 28.64 20.31
N VAL A 78 -24.03 27.66 21.17
CA VAL A 78 -23.03 27.11 22.08
C VAL A 78 -22.54 25.74 21.61
N ASN A 79 -21.22 25.63 21.44
CA ASN A 79 -20.62 24.30 21.14
C ASN A 79 -20.85 23.35 22.30
N VAL A 80 -21.26 22.13 21.96
CA VAL A 80 -21.50 21.12 22.97
C VAL A 80 -20.89 19.78 22.59
N VAL A 81 -19.89 19.78 21.71
CA VAL A 81 -19.29 18.52 21.22
C VAL A 81 -18.67 17.81 22.41
N LYS A 82 -17.95 18.58 23.23
CA LYS A 82 -17.32 18.03 24.42
C LYS A 82 -17.95 18.61 25.70
N VAL A 83 -19.26 18.80 25.68
CA VAL A 83 -19.98 19.28 26.85
C VAL A 83 -20.84 18.16 27.52
N GLY A 84 -20.83 18.14 28.87
CA GLY A 84 -21.45 17.11 29.74
C GLY A 84 -22.70 16.31 29.40
N HIS A 85 -23.84 16.73 29.96
CA HIS A 85 -25.20 16.29 29.60
C HIS A 85 -26.17 17.23 30.34
N LYS A 86 -25.75 17.57 31.56
CA LYS A 86 -26.37 18.55 32.48
C LYS A 86 -26.36 19.96 31.89
N GLN A 87 -25.25 20.37 31.28
CA GLN A 87 -25.19 21.65 30.60
C GLN A 87 -26.11 21.67 29.38
N VAL A 88 -26.08 20.59 28.60
CA VAL A 88 -26.81 20.55 27.32
C VAL A 88 -28.29 20.75 27.51
N VAL A 89 -28.86 20.01 28.47
CA VAL A 89 -30.28 20.09 28.79
C VAL A 89 -30.68 21.47 29.32
N GLY A 90 -29.76 22.13 30.01
CA GLY A 90 -29.94 23.51 30.47
C GLY A 90 -29.96 24.52 29.33
N LEU A 91 -29.10 24.33 28.33
CA LEU A 91 -29.14 25.14 27.12
C LEU A 91 -30.44 24.88 26.33
N ILE A 92 -30.88 23.62 26.29
CA ILE A 92 -32.19 23.32 25.74
C ILE A 92 -33.25 24.13 26.48
N ARG A 93 -33.23 24.10 27.81
CA ARG A 93 -34.27 24.77 28.59
C ARG A 93 -34.29 26.29 28.37
N GLN A 94 -33.11 26.86 28.09
CA GLN A 94 -32.88 28.31 27.83
C GLN A 94 -33.99 29.02 27.02
N GLY A 95 -34.04 28.74 25.72
CA GLY A 95 -35.02 29.41 24.83
C GLY A 95 -36.50 29.07 24.98
N GLY A 96 -36.81 28.10 25.84
CA GLY A 96 -38.20 27.67 26.10
C GLY A 96 -38.90 26.95 24.97
N ASN A 97 -39.69 27.70 24.20
CA ASN A 97 -40.38 27.19 23.02
C ASN A 97 -39.50 27.15 21.72
N ARG A 98 -38.31 27.75 21.78
CA ARG A 98 -37.37 27.71 20.66
C ARG A 98 -36.03 27.03 21.00
N LEU A 99 -35.49 26.31 20.03
CA LEU A 99 -34.26 25.56 20.22
C LEU A 99 -33.64 25.41 18.82
N VAL A 100 -32.43 25.93 18.68
CA VAL A 100 -31.75 25.92 17.42
C VAL A 100 -30.54 25.08 17.72
N MET A 101 -30.36 24.03 16.94
CA MET A 101 -29.23 23.14 17.18
C MET A 101 -28.58 22.79 15.84
N LYS A 102 -27.26 22.60 15.87
CA LYS A 102 -26.58 22.05 14.69
C LYS A 102 -26.17 20.67 15.11
N VAL A 103 -26.50 19.68 14.26
CA VAL A 103 -26.21 18.29 14.50
C VAL A 103 -25.44 17.71 13.30
N VAL A 104 -24.91 16.52 13.52
CA VAL A 104 -24.41 15.64 12.42
C VAL A 104 -25.07 14.24 12.44
N SER A 105 -25.46 13.77 11.26
CA SER A 105 -25.85 12.38 11.05
C SER A 105 -24.63 11.70 10.42
N VAL A 106 -24.28 10.56 10.98
CA VAL A 106 -23.20 9.68 10.44
C VAL A 106 -23.83 8.38 9.99
N THR A 107 -23.93 8.24 8.67
CA THR A 107 -24.48 7.05 8.04
C THR A 107 -23.35 6.23 7.46
N ARG A 108 -23.53 4.91 7.44
CA ARG A 108 -22.54 4.01 6.84
C ARG A 108 -23.23 2.89 6.07
N LYS A 109 -23.12 3.03 4.76
CA LYS A 109 -23.37 1.98 3.77
C LYS A 109 -22.83 0.61 4.20
N PRO A 110 -23.70 -0.40 4.33
CA PRO A 110 -23.17 -1.74 4.61
C PRO A 110 -22.48 -2.38 3.38
N ASP B 6 -21.37 18.60 4.37
CA ASP B 6 -21.39 17.24 3.73
C ASP B 6 -19.99 16.70 3.48
N TYR B 7 -19.74 15.51 3.99
CA TYR B 7 -18.41 14.95 3.96
C TYR B 7 -18.49 13.45 3.74
N VAL B 8 -17.63 12.94 2.85
CA VAL B 8 -17.40 11.51 2.79
C VAL B 8 -16.06 11.27 3.51
N ILE B 9 -16.05 10.36 4.48
CA ILE B 9 -14.79 9.96 5.13
C ILE B 9 -14.59 8.47 4.84
N ASP B 10 -13.66 8.15 3.93
CA ASP B 10 -13.44 6.75 3.52
C ASP B 10 -12.29 6.10 4.30
N ASP B 11 -12.61 5.13 5.16
CA ASP B 11 -11.58 4.44 5.98
C ASP B 11 -10.82 3.43 5.10
N LYS B 12 -9.49 3.54 5.07
CA LYS B 12 -8.61 2.59 4.38
C LYS B 12 -7.60 1.88 5.30
N VAL B 13 -7.43 0.58 5.08
CA VAL B 13 -6.32 -0.17 5.69
C VAL B 13 -5.37 -0.69 4.62
N ALA B 14 -4.12 -0.27 4.73
CA ALA B 14 -3.06 -0.58 3.77
C ALA B 14 -1.88 -1.31 4.41
N ILE B 15 -1.37 -2.29 3.68
CA ILE B 15 -0.19 -3.03 4.09
C ILE B 15 0.90 -2.71 3.05
N LEU B 16 1.95 -2.02 3.49
CA LEU B 16 2.99 -1.57 2.56
C LEU B 16 4.18 -2.51 2.66
N GLN B 17 4.30 -3.35 1.64
CA GLN B 17 5.29 -4.42 1.55
C GLN B 17 6.37 -3.92 0.61
N LYS B 18 7.47 -3.42 1.16
CA LYS B 18 8.59 -2.92 0.34
C LYS B 18 9.85 -3.79 0.50
N ARG B 19 10.83 -3.52 -0.34
CA ARG B 19 12.10 -4.25 -0.26
C ARG B 19 13.21 -3.34 0.22
N ASP B 20 14.30 -3.98 0.68
CA ASP B 20 15.57 -3.29 0.78
C ASP B 20 15.68 -2.42 -0.48
N HIS B 21 15.03 -2.87 -1.55
CA HIS B 21 15.00 -2.19 -2.86
C HIS B 21 13.87 -1.16 -3.09
N GLU B 22 13.65 -0.28 -2.11
CA GLU B 22 12.80 0.90 -2.33
C GLU B 22 12.61 1.82 -1.12
N GLY B 23 11.83 2.89 -1.34
CA GLY B 23 11.16 3.64 -0.29
C GLY B 23 9.66 3.33 -0.38
N PHE B 24 8.85 3.93 0.50
CA PHE B 24 7.42 3.60 0.50
C PHE B 24 6.56 4.23 -0.61
N GLY B 25 7.09 5.24 -1.30
CA GLY B 25 6.35 5.90 -2.37
C GLY B 25 5.37 6.96 -1.90
N PHE B 26 5.54 7.41 -0.66
CA PHE B 26 4.81 8.59 -0.17
C PHE B 26 5.73 9.56 0.54
N VAL B 27 5.22 10.78 0.77
CA VAL B 27 5.82 11.78 1.65
C VAL B 27 4.72 12.24 2.60
N LEU B 28 5.11 12.49 3.86
CA LEU B 28 4.22 12.76 4.99
C LEU B 28 4.40 14.18 5.52
N ARG B 29 3.27 14.80 5.87
CA ARG B 29 3.31 16.15 6.42
C ARG B 29 2.26 16.32 7.52
N GLY B 30 2.52 17.25 8.44
CA GLY B 30 1.53 17.59 9.44
C GLY B 30 2.01 18.42 10.60
N ALA B 31 1.08 18.69 11.53
CA ALA B 31 1.34 19.37 12.82
C ALA B 31 0.11 20.15 13.27
N GLU B 38 -1.79 19.89 24.44
CA GLU B 38 -2.60 19.19 23.45
C GLU B 38 -4.11 19.51 23.44
N GLU B 39 -4.92 18.45 23.45
CA GLU B 39 -6.35 18.45 23.12
C GLU B 39 -6.70 19.04 21.71
N PHE B 40 -6.28 18.37 20.64
CA PHE B 40 -6.75 18.68 19.27
C PHE B 40 -8.17 18.15 19.09
N THR B 41 -9.00 18.87 18.36
CA THR B 41 -10.38 18.39 18.23
C THR B 41 -10.66 17.93 16.80
N PRO B 42 -10.43 16.64 16.51
CA PRO B 42 -10.73 16.24 15.14
C PRO B 42 -12.15 16.63 14.68
N THR B 43 -12.26 16.87 13.39
CA THR B 43 -13.47 17.22 12.67
C THR B 43 -13.48 16.46 11.32
N PRO B 44 -14.62 16.44 10.62
CA PRO B 44 -14.56 15.76 9.32
C PRO B 44 -13.63 16.43 8.31
N ALA B 45 -13.57 17.77 8.29
CA ALA B 45 -12.63 18.50 7.39
C ALA B 45 -11.12 18.40 7.77
N PHE B 46 -10.85 17.96 8.99
CA PHE B 46 -9.52 17.93 9.60
C PHE B 46 -9.51 16.86 10.68
N PRO B 47 -9.39 15.56 10.28
CA PRO B 47 -9.67 14.54 11.27
C PRO B 47 -8.45 13.96 12.02
N ALA B 48 -7.23 14.28 11.56
CA ALA B 48 -6.00 13.76 12.17
C ALA B 48 -4.85 14.69 11.85
N LEU B 49 -3.86 14.75 12.74
CA LEU B 49 -2.76 15.73 12.62
C LEU B 49 -1.81 15.53 11.45
N GLN B 50 -1.63 14.27 11.02
CA GLN B 50 -0.67 13.92 9.99
C GLN B 50 -1.34 13.39 8.74
N TYR B 51 -0.76 13.68 7.59
CA TYR B 51 -1.39 13.45 6.30
C TYR B 51 -0.36 13.25 5.17
N LEU B 52 -0.78 12.57 4.10
CA LEU B 52 0.06 12.30 2.94
C LEU B 52 0.08 13.52 2.05
N GLU B 53 1.16 14.28 2.20
CA GLU B 53 1.54 15.44 1.37
C GLU B 53 1.74 15.08 -0.11
N SER B 54 2.37 13.94 -0.36
CA SER B 54 2.40 13.32 -1.71
C SER B 54 2.57 11.80 -1.69
N VAL B 55 2.11 11.17 -2.78
CA VAL B 55 2.17 9.73 -2.99
C VAL B 55 2.54 9.46 -4.47
N ASP B 56 3.71 8.86 -4.69
CA ASP B 56 4.26 8.65 -6.04
C ASP B 56 3.43 7.64 -6.83
N VAL B 57 3.23 7.93 -8.11
CA VAL B 57 2.55 7.00 -9.02
C VAL B 57 3.06 5.60 -8.79
N GLU B 58 2.13 4.66 -8.78
CA GLU B 58 2.38 3.22 -8.66
C GLU B 58 3.57 2.90 -7.74
N GLY B 59 3.82 3.76 -6.75
CA GLY B 59 4.85 3.52 -5.74
C GLY B 59 4.32 2.49 -4.78
N VAL B 60 5.03 2.23 -3.68
CA VAL B 60 4.59 1.19 -2.74
C VAL B 60 3.33 1.70 -2.06
N ALA B 61 3.35 2.97 -1.66
CA ALA B 61 2.14 3.66 -1.17
C ALA B 61 0.95 3.44 -2.09
N TRP B 62 1.06 3.91 -3.35
CA TRP B 62 -0.03 3.82 -4.33
C TRP B 62 -0.72 2.45 -4.40
N ARG B 63 -0.03 1.37 -4.03
CA ARG B 63 -0.75 0.17 -3.50
C ARG B 63 0.06 -0.76 -2.61
N ALA B 64 -0.03 -0.68 -1.27
CA ALA B 64 -1.01 0.05 -0.40
C ALA B 64 -2.47 0.47 -0.76
N GLY B 65 -2.62 1.45 -1.66
CA GLY B 65 -3.93 2.04 -1.97
C GLY B 65 -4.07 3.44 -1.38
N LEU B 66 -2.97 3.97 -0.86
CA LEU B 66 -2.94 5.32 -0.30
C LEU B 66 -2.89 6.40 -1.36
N ARG B 67 -3.59 7.49 -1.11
CA ARG B 67 -3.52 8.63 -2.02
C ARG B 67 -3.15 9.87 -1.27
N THR B 68 -2.69 10.88 -2.02
CA THR B 68 -2.44 12.19 -1.49
C THR B 68 -3.70 12.70 -0.80
N GLY B 69 -3.49 13.35 0.34
CA GLY B 69 -4.55 13.81 1.21
C GLY B 69 -4.94 12.83 2.31
N ASP B 70 -4.55 11.56 2.19
CA ASP B 70 -4.92 10.61 3.25
C ASP B 70 -4.43 11.06 4.63
N PHE B 71 -5.33 10.97 5.62
CA PHE B 71 -5.04 11.29 7.03
C PHE B 71 -4.64 10.10 7.86
N LEU B 72 -3.60 10.25 8.68
CA LEU B 72 -3.08 9.15 9.48
C LEU B 72 -3.80 8.92 10.82
N ILE B 73 -4.25 7.69 11.06
CA ILE B 73 -5.01 7.32 12.27
C ILE B 73 -4.25 6.28 13.07
N GLU B 74 -3.61 5.37 12.36
CA GLU B 74 -2.88 4.28 13.01
C GLU B 74 -1.66 3.92 12.16
N VAL B 75 -0.51 3.80 12.81
CA VAL B 75 0.69 3.27 12.17
C VAL B 75 1.18 2.08 12.99
N ASN B 76 1.16 0.88 12.40
CA ASN B 76 1.50 -0.41 13.08
C ASN B 76 0.75 -0.70 14.39
N GLY B 77 -0.55 -0.36 14.44
CA GLY B 77 -1.32 -0.53 15.67
C GLY B 77 -1.29 0.66 16.62
N VAL B 78 -0.56 1.71 16.25
CA VAL B 78 -0.43 2.84 17.14
C VAL B 78 -1.37 3.94 16.63
N ASN B 79 -2.23 4.49 17.50
CA ASN B 79 -3.07 5.65 17.13
C ASN B 79 -2.23 6.90 17.06
N VAL B 80 -2.23 7.59 15.91
CA VAL B 80 -1.41 8.80 15.69
C VAL B 80 -2.26 10.07 15.44
N VAL B 81 -3.56 9.99 15.75
CA VAL B 81 -4.50 11.07 15.39
C VAL B 81 -4.00 12.41 15.95
N LYS B 82 -3.58 12.40 17.22
CA LYS B 82 -3.03 13.63 17.79
C LYS B 82 -1.52 13.66 17.92
N VAL B 83 -0.86 12.58 17.48
CA VAL B 83 0.60 12.45 17.66
C VAL B 83 1.35 13.39 16.70
N GLY B 84 2.51 13.87 17.18
CA GLY B 84 3.35 14.84 16.48
C GLY B 84 4.04 14.34 15.24
N HIS B 85 4.59 15.27 14.46
CA HIS B 85 5.15 14.91 13.18
C HIS B 85 6.38 14.02 13.32
N LYS B 86 7.22 14.37 14.29
CA LYS B 86 8.54 13.79 14.48
C LYS B 86 8.41 12.36 15.02
N GLN B 87 7.49 12.16 15.96
CA GLN B 87 7.22 10.83 16.47
C GLN B 87 6.67 9.89 15.41
N VAL B 88 5.77 10.42 14.58
CA VAL B 88 5.07 9.63 13.58
C VAL B 88 6.04 9.19 12.48
N VAL B 89 6.74 10.16 11.88
CA VAL B 89 7.81 9.86 10.92
C VAL B 89 8.75 8.80 11.54
N GLY B 90 9.10 8.98 12.81
CA GLY B 90 9.95 8.06 13.55
C GLY B 90 9.46 6.63 13.61
N LEU B 91 8.21 6.45 14.02
CA LEU B 91 7.63 5.12 14.17
C LEU B 91 7.43 4.44 12.82
N ILE B 92 7.51 5.25 11.77
CA ILE B 92 7.56 4.76 10.40
C ILE B 92 8.95 4.12 10.18
N ARG B 93 9.97 4.63 10.86
CA ARG B 93 11.33 4.01 10.82
C ARG B 93 11.57 2.89 11.85
N GLN B 94 10.77 2.86 12.92
CA GLN B 94 10.75 1.66 13.75
C GLN B 94 10.19 0.48 12.92
N GLY B 95 9.82 0.77 11.68
CA GLY B 95 9.09 -0.20 10.87
C GLY B 95 9.92 -1.03 9.91
N GLY B 96 10.76 -0.36 9.11
CA GLY B 96 11.52 -1.04 8.07
C GLY B 96 10.64 -1.41 6.89
N ASN B 97 10.70 -2.66 6.44
CA ASN B 97 10.12 -2.97 5.14
C ASN B 97 8.64 -3.27 5.14
N ARG B 98 8.11 -3.71 6.27
CA ARG B 98 6.67 -3.93 6.42
C ARG B 98 6.02 -2.91 7.38
N LEU B 99 4.83 -2.47 6.99
CA LEU B 99 4.19 -1.32 7.57
C LEU B 99 2.69 -1.48 7.29
N VAL B 100 1.86 -1.44 8.34
CA VAL B 100 0.38 -1.42 8.19
C VAL B 100 -0.12 -0.02 8.56
N MET B 101 -0.92 0.60 7.70
CA MET B 101 -1.53 1.87 8.05
C MET B 101 -3.05 1.88 7.92
N LYS B 102 -3.69 2.62 8.82
CA LYS B 102 -5.09 2.92 8.68
C LYS B 102 -5.20 4.42 8.55
N VAL B 103 -5.96 4.83 7.55
CA VAL B 103 -6.03 6.23 7.15
C VAL B 103 -7.49 6.57 6.81
N VAL B 104 -7.83 7.85 6.89
CA VAL B 104 -9.05 8.36 6.26
C VAL B 104 -8.77 9.33 5.11
N SER B 105 -9.46 9.10 3.99
CA SER B 105 -9.55 10.09 2.90
C SER B 105 -10.87 10.85 3.06
N VAL B 106 -10.82 12.16 2.86
CA VAL B 106 -11.99 13.04 3.06
C VAL B 106 -12.37 13.73 1.75
N THR B 107 -13.67 13.78 1.45
CA THR B 107 -14.17 14.63 0.35
C THR B 107 -15.39 15.49 0.79
N ARG B 108 -15.34 16.78 0.50
CA ARG B 108 -16.44 17.65 0.92
C ARG B 108 -17.43 17.93 -0.21
N LYS B 109 -18.60 17.29 -0.09
CA LYS B 109 -19.65 17.34 -1.09
C LYS B 109 -20.85 18.16 -0.62
N SER C 5 -3.79 -24.03 1.85
CA SER C 5 -5.17 -23.51 1.55
C SER C 5 -5.17 -21.99 1.40
N ASP C 6 -6.36 -21.40 1.17
CA ASP C 6 -6.51 -19.96 1.01
C ASP C 6 -7.74 -19.50 1.80
N TYR C 7 -7.62 -18.33 2.42
CA TYR C 7 -8.72 -17.71 3.13
C TYR C 7 -8.88 -16.29 2.68
N VAL C 8 -10.10 -15.78 2.72
CA VAL C 8 -10.32 -14.37 2.57
C VAL C 8 -10.87 -13.82 3.90
N ILE C 9 -10.33 -12.71 4.36
CA ILE C 9 -10.70 -12.14 5.64
C ILE C 9 -11.25 -10.75 5.35
N ASP C 10 -12.55 -10.62 5.57
CA ASP C 10 -13.26 -9.41 5.17
C ASP C 10 -13.58 -8.60 6.41
N ASP C 11 -12.80 -7.53 6.64
CA ASP C 11 -13.05 -6.62 7.74
C ASP C 11 -14.25 -5.77 7.40
N LYS C 12 -15.09 -5.58 8.37
CA LYS C 12 -16.31 -4.76 8.20
C LYS C 12 -16.53 -3.89 9.44
N VAL C 13 -17.14 -2.72 9.27
CA VAL C 13 -17.51 -1.84 10.38
C VAL C 13 -18.96 -1.41 10.17
N ALA C 14 -19.80 -1.67 11.17
CA ALA C 14 -21.23 -1.42 11.07
C ALA C 14 -21.70 -0.50 12.20
N ILE C 15 -22.69 0.33 11.91
CA ILE C 15 -23.33 1.15 12.95
C ILE C 15 -24.75 0.67 13.27
N LEU C 16 -24.97 0.14 14.47
CA LEU C 16 -26.31 -0.29 14.91
C LEU C 16 -26.95 0.78 15.77
N GLN C 17 -28.19 1.08 15.42
CA GLN C 17 -29.01 2.03 16.15
C GLN C 17 -30.41 1.42 16.21
N LYS C 18 -30.86 1.03 17.40
CA LYS C 18 -32.16 0.35 17.57
C LYS C 18 -33.17 1.28 18.24
N ARG C 19 -34.39 0.80 18.42
CA ARG C 19 -35.31 1.51 19.31
C ARG C 19 -35.33 0.73 20.62
N ASP C 20 -35.62 1.40 21.74
CA ASP C 20 -35.42 0.76 23.06
C ASP C 20 -36.17 -0.57 23.29
N HIS C 21 -37.29 -0.74 22.61
CA HIS C 21 -38.05 -2.00 22.69
C HIS C 21 -37.48 -3.20 21.88
N GLU C 22 -36.71 -2.95 20.82
CA GLU C 22 -36.18 -4.05 20.01
C GLU C 22 -34.82 -4.62 20.50
N GLY C 23 -34.46 -5.80 20.00
CA GLY C 23 -33.10 -6.32 20.16
C GLY C 23 -32.21 -5.88 19.02
N PHE C 24 -30.88 -5.96 19.23
CA PHE C 24 -29.93 -5.65 18.15
C PHE C 24 -30.01 -6.70 17.02
N GLY C 25 -30.58 -7.85 17.37
CA GLY C 25 -31.01 -8.82 16.35
C GLY C 25 -29.90 -9.78 15.98
N PHE C 26 -29.12 -10.14 17.00
CA PHE C 26 -28.06 -11.12 16.84
C PHE C 26 -27.84 -11.93 18.11
N VAL C 27 -27.21 -13.08 17.98
CA VAL C 27 -26.81 -13.82 19.15
C VAL C 27 -25.29 -13.99 19.15
N LEU C 28 -24.67 -13.45 20.20
CA LEU C 28 -23.26 -13.52 20.48
C LEU C 28 -22.86 -14.82 21.18
N ARG C 29 -21.83 -15.47 20.66
CA ARG C 29 -21.32 -16.76 21.17
C ARG C 29 -19.88 -16.67 21.59
N GLU C 38 -4.71 -19.02 29.26
CA GLU C 38 -5.67 -17.92 29.31
C GLU C 38 -5.20 -16.75 28.46
N GLU C 39 -5.46 -16.87 27.15
CA GLU C 39 -5.15 -15.87 26.10
C GLU C 39 -5.90 -16.18 24.79
N PHE C 40 -5.26 -16.95 23.90
CA PHE C 40 -5.79 -17.52 22.62
C PHE C 40 -4.89 -17.17 21.41
N THR C 41 -4.66 -18.11 20.48
CA THR C 41 -3.96 -17.74 19.22
C THR C 41 -4.78 -17.87 17.95
N PRO C 42 -5.09 -16.71 17.34
CA PRO C 42 -5.95 -16.45 16.18
C PRO C 42 -5.39 -16.91 14.82
N THR C 43 -6.09 -17.84 14.20
CA THR C 43 -5.80 -18.27 12.83
C THR C 43 -6.81 -17.69 11.87
N PRO C 44 -6.54 -17.72 10.53
CA PRO C 44 -7.56 -17.19 9.61
C PRO C 44 -8.96 -17.78 9.86
N ALA C 45 -9.01 -19.05 10.23
CA ALA C 45 -10.28 -19.78 10.43
C ALA C 45 -10.90 -19.51 11.81
N PHE C 46 -10.16 -18.81 12.64
CA PHE C 46 -10.58 -18.60 14.03
C PHE C 46 -9.87 -17.36 14.57
N PRO C 47 -10.22 -16.16 14.05
CA PRO C 47 -9.40 -14.96 14.22
C PRO C 47 -9.56 -14.23 15.53
N ALA C 48 -10.60 -14.56 16.29
CA ALA C 48 -10.89 -13.87 17.57
C ALA C 48 -11.88 -14.74 18.34
N LEU C 49 -12.10 -14.42 19.62
CA LEU C 49 -12.79 -15.34 20.51
C LEU C 49 -14.33 -15.35 20.40
N GLN C 50 -14.95 -14.19 20.12
CA GLN C 50 -16.40 -14.03 20.08
C GLN C 50 -16.96 -13.84 18.67
N TYR C 51 -18.06 -14.52 18.37
CA TYR C 51 -18.64 -14.49 17.02
C TYR C 51 -20.16 -14.39 17.07
N LEU C 52 -20.73 -14.03 15.94
CA LEU C 52 -22.15 -13.93 15.80
C LEU C 52 -22.60 -15.30 15.35
N GLU C 53 -23.09 -16.09 16.30
CA GLU C 53 -23.64 -17.40 15.98
C GLU C 53 -24.90 -17.27 15.15
N SER C 54 -25.59 -16.14 15.32
CA SER C 54 -26.89 -15.97 14.70
C SER C 54 -27.24 -14.49 14.47
N VAL C 55 -27.78 -14.18 13.28
CA VAL C 55 -28.33 -12.84 12.95
C VAL C 55 -29.70 -12.99 12.27
N ASP C 56 -30.74 -12.44 12.88
CA ASP C 56 -32.09 -12.36 12.27
C ASP C 56 -32.05 -11.49 11.02
N VAL C 57 -32.51 -12.06 9.90
CA VAL C 57 -32.82 -11.30 8.68
C VAL C 57 -33.98 -10.39 9.07
N GLU C 58 -33.84 -9.09 8.77
CA GLU C 58 -34.82 -8.02 9.09
C GLU C 58 -34.46 -7.18 10.35
N GLY C 59 -33.59 -7.70 11.22
CA GLY C 59 -33.23 -7.01 12.46
C GLY C 59 -32.14 -6.00 12.27
N VAL C 60 -31.82 -5.25 13.32
CA VAL C 60 -30.86 -4.16 13.25
C VAL C 60 -29.57 -4.60 12.58
N ALA C 61 -28.98 -5.63 13.19
CA ALA C 61 -27.62 -6.11 12.87
C ALA C 61 -27.50 -6.41 11.38
N TRP C 62 -28.44 -7.21 10.88
CA TRP C 62 -28.44 -7.64 9.48
C TRP C 62 -28.61 -6.44 8.58
N ARG C 63 -29.56 -5.58 8.90
CA ARG C 63 -29.78 -4.34 8.14
C ARG C 63 -28.59 -3.40 8.17
N ALA C 64 -27.91 -3.41 9.31
CA ALA C 64 -26.59 -2.78 9.45
C ALA C 64 -25.46 -3.58 8.77
N GLY C 65 -25.75 -4.78 8.27
CA GLY C 65 -24.82 -5.49 7.38
C GLY C 65 -23.95 -6.51 8.07
N LEU C 66 -24.30 -6.83 9.29
CA LEU C 66 -23.68 -7.90 9.99
C LEU C 66 -24.31 -9.21 9.59
N ARG C 67 -23.48 -10.22 9.58
CA ARG C 67 -23.90 -11.57 9.18
C ARG C 67 -23.49 -12.70 10.17
N THR C 68 -24.26 -13.79 10.19
CA THR C 68 -23.86 -14.94 10.97
C THR C 68 -22.40 -15.36 10.66
N GLY C 69 -21.65 -15.72 11.69
CA GLY C 69 -20.26 -16.14 11.48
C GLY C 69 -19.29 -14.99 11.68
N ASP C 70 -19.78 -13.76 11.62
CA ASP C 70 -18.90 -12.58 11.78
C ASP C 70 -18.19 -12.63 13.15
N PHE C 71 -16.87 -12.50 13.09
CA PHE C 71 -16.01 -12.45 14.26
C PHE C 71 -15.87 -11.00 14.69
N LEU C 72 -16.07 -10.75 15.98
CA LEU C 72 -15.96 -9.43 16.56
C LEU C 72 -14.53 -9.06 16.87
N ILE C 73 -14.14 -7.89 16.39
CA ILE C 73 -12.82 -7.33 16.62
C ILE C 73 -12.86 -6.16 17.62
N GLU C 74 -13.80 -5.25 17.42
CA GLU C 74 -14.03 -4.12 18.35
C GLU C 74 -15.50 -3.89 18.62
N VAL C 75 -15.79 -3.44 19.86
CA VAL C 75 -17.13 -3.04 20.25
C VAL C 75 -16.93 -1.64 20.81
N ASN C 76 -17.61 -0.66 20.21
CA ASN C 76 -17.60 0.71 20.68
C ASN C 76 -16.19 1.17 21.02
N GLY C 77 -15.27 0.80 20.14
CA GLY C 77 -13.84 1.15 20.21
C GLY C 77 -13.08 0.47 21.33
N VAL C 78 -13.55 -0.71 21.74
CA VAL C 78 -12.80 -1.56 22.65
C VAL C 78 -12.41 -2.86 21.92
N ASN C 79 -11.11 -3.10 21.72
CA ASN C 79 -10.68 -4.40 21.17
C ASN C 79 -11.22 -5.53 22.05
N VAL C 80 -11.83 -6.52 21.40
CA VAL C 80 -12.51 -7.66 22.06
C VAL C 80 -12.08 -9.02 21.51
N VAL C 81 -11.08 -8.97 20.64
CA VAL C 81 -10.56 -10.17 19.97
C VAL C 81 -10.28 -11.30 20.95
N LYS C 82 -9.62 -10.95 22.06
CA LYS C 82 -9.35 -11.90 23.12
C LYS C 82 -9.76 -11.30 24.46
N VAL C 83 -10.99 -10.79 24.49
CA VAL C 83 -11.64 -10.54 25.75
C VAL C 83 -12.67 -11.64 25.91
N GLY C 84 -12.99 -11.97 27.15
CA GLY C 84 -14.01 -12.94 27.51
C GLY C 84 -15.40 -12.50 27.06
N HIS C 85 -16.33 -13.44 27.03
CA HIS C 85 -17.69 -13.20 26.58
C HIS C 85 -18.51 -12.27 27.53
N LYS C 86 -18.62 -12.62 28.81
CA LYS C 86 -19.43 -11.78 29.72
C LYS C 86 -18.96 -10.33 29.75
N GLN C 87 -17.67 -10.11 29.50
CA GLN C 87 -17.11 -8.77 29.36
C GLN C 87 -17.77 -8.09 28.18
N VAL C 88 -17.71 -8.76 27.03
CA VAL C 88 -18.24 -8.20 25.80
C VAL C 88 -19.72 -7.85 25.94
N VAL C 89 -20.45 -8.71 26.65
CA VAL C 89 -21.89 -8.59 26.91
C VAL C 89 -22.17 -7.33 27.72
N GLY C 90 -21.27 -7.03 28.66
CA GLY C 90 -21.32 -5.78 29.38
C GLY C 90 -21.16 -4.62 28.41
N LEU C 91 -20.09 -4.66 27.62
CA LEU C 91 -19.84 -3.60 26.64
C LEU C 91 -21.08 -3.33 25.80
N ILE C 92 -21.70 -4.37 25.26
CA ILE C 92 -22.96 -4.18 24.53
C ILE C 92 -23.97 -3.43 25.43
N ARG C 93 -24.24 -4.00 26.61
CA ARG C 93 -25.11 -3.37 27.64
C ARG C 93 -24.92 -1.86 27.76
N GLN C 94 -23.67 -1.44 27.98
CA GLN C 94 -23.35 -0.02 28.22
C GLN C 94 -23.62 0.91 27.01
N GLY C 95 -23.95 0.32 25.87
CA GLY C 95 -24.18 1.09 24.63
C GLY C 95 -25.52 1.79 24.51
N GLY C 96 -26.57 1.17 25.02
CA GLY C 96 -27.90 1.72 24.83
C GLY C 96 -28.43 1.25 23.50
N ASN C 97 -28.98 2.18 22.73
CA ASN C 97 -29.52 1.86 21.42
C ASN C 97 -28.49 2.04 20.30
N ARG C 98 -27.25 2.37 20.67
CA ARG C 98 -26.19 2.50 19.67
C ARG C 98 -24.97 1.60 19.90
N LEU C 99 -24.55 0.98 18.80
CA LEU C 99 -23.52 0.01 18.81
C LEU C 99 -22.73 0.16 17.51
N VAL C 100 -21.44 0.39 17.66
CA VAL C 100 -20.50 0.37 16.55
C VAL C 100 -19.58 -0.87 16.69
N MET C 101 -19.60 -1.74 15.68
CA MET C 101 -18.81 -2.95 15.76
C MET C 101 -17.92 -3.12 14.57
N LYS C 102 -16.66 -3.51 14.83
CA LYS C 102 -15.72 -3.90 13.78
C LYS C 102 -15.63 -5.41 13.84
N VAL C 103 -15.92 -6.04 12.70
CA VAL C 103 -15.90 -7.46 12.61
C VAL C 103 -15.02 -7.96 11.46
N VAL C 104 -14.71 -9.26 11.49
CA VAL C 104 -14.20 -9.94 10.27
C VAL C 104 -15.08 -11.12 9.93
N SER C 105 -15.35 -11.26 8.62
CA SER C 105 -16.02 -12.41 8.03
C SER C 105 -15.01 -13.26 7.22
N VAL C 106 -14.91 -14.53 7.55
CA VAL C 106 -13.87 -15.37 6.96
C VAL C 106 -14.39 -16.36 5.93
N THR C 107 -13.85 -16.30 4.71
CA THR C 107 -14.19 -17.38 3.77
C THR C 107 -12.97 -18.25 3.44
N ARG C 108 -13.19 -19.55 3.47
CA ARG C 108 -12.15 -20.52 3.13
C ARG C 108 -12.38 -21.02 1.68
N LYS C 109 -11.30 -21.00 0.88
CA LYS C 109 -11.32 -21.52 -0.49
C LYS C 109 -10.69 -22.93 -0.61
N SER D 5 24.22 57.23 -1.99
CA SER D 5 23.13 57.26 -0.95
C SER D 5 23.16 56.07 -0.02
N ASP D 6 23.05 54.84 -0.55
CA ASP D 6 23.66 53.65 0.06
C ASP D 6 22.92 52.31 0.29
N TYR D 7 22.87 51.50 -0.75
CA TYR D 7 22.58 50.08 -0.61
C TYR D 7 23.92 49.39 -0.33
N VAL D 8 23.91 48.38 0.54
CA VAL D 8 25.00 47.40 0.62
C VAL D 8 24.37 46.10 0.14
N ILE D 9 24.93 45.55 -0.93
CA ILE D 9 24.43 44.28 -1.47
C ILE D 9 25.43 43.13 -1.29
N ASP D 10 25.11 42.20 -0.40
CA ASP D 10 26.01 41.10 -0.07
C ASP D 10 25.49 39.81 -0.68
N ASP D 11 26.25 39.34 -1.65
CA ASP D 11 26.04 38.07 -2.33
C ASP D 11 26.22 36.92 -1.33
N LYS D 12 25.31 35.94 -1.33
CA LYS D 12 25.42 34.83 -0.39
C LYS D 12 25.03 33.47 -0.98
N VAL D 13 25.63 32.38 -0.48
CA VAL D 13 25.22 31.05 -0.90
C VAL D 13 24.85 30.22 0.33
N ALA D 14 23.72 29.53 0.25
CA ALA D 14 23.22 28.77 1.37
C ALA D 14 22.95 27.36 0.88
N ILE D 15 23.42 26.40 1.66
CA ILE D 15 23.20 25.00 1.44
C ILE D 15 22.28 24.50 2.51
N LEU D 16 21.05 24.20 2.12
CA LEU D 16 20.07 23.76 3.08
C LEU D 16 20.01 22.24 3.11
N GLN D 17 20.42 21.67 4.24
CA GLN D 17 20.13 20.28 4.58
C GLN D 17 19.06 20.09 5.69
N LYS D 18 17.86 19.65 5.30
CA LYS D 18 16.79 19.35 6.28
C LYS D 18 16.54 17.87 6.51
N ARG D 19 16.40 17.50 7.77
CA ARG D 19 15.92 16.16 8.12
C ARG D 19 14.50 15.99 7.59
N ASP D 20 14.01 14.74 7.55
CA ASP D 20 12.69 14.51 6.94
C ASP D 20 11.49 15.08 7.71
N HIS D 21 11.64 15.23 9.02
CA HIS D 21 10.58 15.73 9.91
C HIS D 21 10.53 17.24 10.04
N GLU D 22 11.51 17.92 9.44
CA GLU D 22 11.60 19.37 9.56
C GLU D 22 11.37 20.08 8.24
N GLY D 23 11.20 21.39 8.34
CA GLY D 23 11.03 22.20 7.15
C GLY D 23 12.26 23.05 6.98
N PHE D 24 12.40 23.62 5.80
CA PHE D 24 13.25 24.78 5.60
C PHE D 24 12.46 25.92 6.24
N GLY D 25 13.14 26.86 6.85
CA GLY D 25 12.37 27.90 7.53
C GLY D 25 12.09 29.13 6.70
N PHE D 26 11.28 28.98 5.66
CA PHE D 26 10.96 30.12 4.78
C PHE D 26 9.65 30.10 3.98
N VAL D 27 9.22 31.31 3.59
CA VAL D 27 8.00 31.53 2.81
C VAL D 27 8.29 32.37 1.56
N LEU D 28 7.91 31.86 0.39
CA LEU D 28 8.25 32.48 -0.90
C LEU D 28 7.33 33.62 -1.30
N ARG D 29 7.88 34.56 -2.07
CA ARG D 29 7.11 35.62 -2.71
C ARG D 29 7.71 35.92 -4.07
N GLY D 30 6.95 36.66 -4.90
CA GLY D 30 7.41 37.19 -6.19
C GLY D 30 7.76 38.68 -6.08
N ALA D 31 7.41 39.48 -7.09
CA ALA D 31 7.76 40.91 -7.16
C ALA D 31 9.24 41.18 -6.84
N GLU D 38 7.10 36.83 -14.85
CA GLU D 38 7.02 38.20 -15.33
C GLU D 38 7.93 38.38 -16.56
N GLU D 39 8.37 39.61 -16.82
CA GLU D 39 9.37 39.92 -17.86
C GLU D 39 10.33 41.02 -17.41
N PHE D 40 10.82 40.94 -16.16
CA PHE D 40 11.39 42.10 -15.47
C PHE D 40 12.91 42.39 -15.63
N THR D 41 13.30 43.61 -15.24
CA THR D 41 14.69 44.09 -15.21
C THR D 41 15.15 44.46 -13.75
N PRO D 42 16.35 43.97 -13.32
CA PRO D 42 16.83 44.12 -11.92
C PRO D 42 17.14 45.52 -11.39
N THR D 43 16.66 45.79 -10.15
CA THR D 43 16.77 47.09 -9.47
C THR D 43 17.67 47.01 -8.22
N PRO D 44 18.40 48.09 -7.93
CA PRO D 44 19.03 48.23 -6.61
C PRO D 44 17.97 48.48 -5.51
N ALA D 45 16.88 47.71 -5.57
CA ALA D 45 15.78 47.68 -4.61
C ALA D 45 14.91 46.42 -4.88
N PHE D 46 14.87 45.99 -6.13
CA PHE D 46 14.20 44.74 -6.53
C PHE D 46 15.12 43.90 -7.43
N PRO D 47 15.95 43.02 -6.83
CA PRO D 47 17.02 42.27 -7.50
C PRO D 47 16.55 41.11 -8.38
N ALA D 48 15.49 40.42 -7.94
CA ALA D 48 15.02 39.21 -8.63
C ALA D 48 13.54 38.96 -8.38
N LEU D 49 12.90 38.29 -9.33
CA LEU D 49 11.46 38.06 -9.31
C LEU D 49 10.99 37.45 -8.01
N GLN D 50 11.80 36.57 -7.43
CA GLN D 50 11.42 35.92 -6.19
C GLN D 50 12.20 36.46 -4.99
N TYR D 51 11.63 36.30 -3.80
CA TYR D 51 12.31 36.53 -2.52
C TYR D 51 11.55 35.87 -1.38
N LEU D 52 12.23 35.70 -0.24
CA LEU D 52 11.57 35.08 0.90
C LEU D 52 10.79 36.11 1.70
N GLU D 53 9.47 36.07 1.56
CA GLU D 53 8.60 36.71 2.54
C GLU D 53 8.79 35.97 3.86
N SER D 54 10.03 36.06 4.34
CA SER D 54 10.42 35.70 5.69
C SER D 54 10.45 34.22 6.02
N VAL D 55 10.94 33.95 7.23
CA VAL D 55 10.43 32.89 8.12
C VAL D 55 11.39 32.42 9.24
N ASP D 56 11.16 31.21 9.72
CA ASP D 56 11.41 30.78 11.09
C ASP D 56 12.73 31.16 11.77
N VAL D 57 12.58 31.93 12.84
CA VAL D 57 13.64 32.12 13.82
C VAL D 57 14.17 30.73 14.18
N GLU D 58 15.43 30.48 13.82
CA GLU D 58 16.07 29.17 13.98
C GLU D 58 15.48 28.10 13.06
N GLY D 59 16.19 26.96 12.97
CA GLY D 59 15.90 25.93 11.98
C GLY D 59 16.57 26.23 10.64
N VAL D 60 16.85 25.15 9.90
CA VAL D 60 17.50 25.13 8.57
C VAL D 60 17.78 26.47 7.88
N ALA D 61 16.78 27.10 7.26
CA ALA D 61 17.01 28.31 6.44
C ALA D 61 17.61 29.45 7.24
N TRP D 62 17.00 29.75 8.37
CA TRP D 62 17.49 30.72 9.32
C TRP D 62 18.85 30.30 9.85
N ARG D 63 19.01 28.99 10.10
CA ARG D 63 20.27 28.40 10.57
C ARG D 63 21.35 28.63 9.52
N ALA D 64 20.98 28.38 8.26
CA ALA D 64 21.92 28.39 7.14
C ALA D 64 22.45 29.77 6.75
N GLY D 65 21.85 30.83 7.28
CA GLY D 65 22.29 32.18 6.96
C GLY D 65 21.13 33.02 6.49
N LEU D 66 20.37 32.47 5.55
CA LEU D 66 19.14 33.09 5.03
C LEU D 66 18.30 33.96 6.01
N ARG D 67 17.82 35.08 5.49
CA ARG D 67 17.03 36.05 6.27
C ARG D 67 15.77 36.54 5.56
N THR D 68 14.79 36.98 6.35
CA THR D 68 13.64 37.73 5.84
C THR D 68 14.11 38.84 4.86
N GLY D 69 13.58 38.80 3.64
CA GLY D 69 13.81 39.82 2.60
C GLY D 69 14.89 39.55 1.54
N ASP D 70 15.37 38.30 1.48
CA ASP D 70 16.51 37.95 0.62
C ASP D 70 16.02 37.42 -0.71
N PHE D 71 16.51 38.01 -1.78
CA PHE D 71 16.06 37.70 -3.14
C PHE D 71 16.90 36.59 -3.70
N LEU D 72 16.24 35.68 -4.42
CA LEU D 72 16.89 34.44 -4.84
C LEU D 72 17.45 34.56 -6.23
N ILE D 73 18.72 34.15 -6.37
CA ILE D 73 19.44 34.34 -7.61
C ILE D 73 19.67 33.00 -8.29
N GLU D 74 20.13 32.01 -7.51
CA GLU D 74 20.35 30.64 -7.99
C GLU D 74 19.75 29.62 -7.03
N VAL D 75 19.03 28.65 -7.61
CA VAL D 75 18.46 27.53 -6.88
C VAL D 75 18.90 26.26 -7.62
N ASN D 76 19.53 25.34 -6.88
CA ASN D 76 20.19 24.14 -7.42
C ASN D 76 20.88 24.35 -8.78
N GLY D 77 21.74 25.38 -8.80
CA GLY D 77 22.59 25.72 -9.96
C GLY D 77 21.92 26.37 -11.15
N VAL D 78 20.60 26.50 -11.06
CA VAL D 78 19.76 27.14 -12.07
C VAL D 78 19.47 28.55 -11.55
N ASN D 79 20.01 29.56 -12.25
CA ASN D 79 19.76 30.97 -11.92
C ASN D 79 18.30 31.35 -12.21
N VAL D 80 17.67 31.95 -11.21
CA VAL D 80 16.21 32.12 -11.18
C VAL D 80 15.73 33.56 -11.15
N VAL D 81 16.66 34.49 -11.38
CA VAL D 81 16.42 35.91 -11.33
C VAL D 81 15.17 36.27 -12.14
N LYS D 82 15.03 35.69 -13.33
CA LYS D 82 13.90 36.00 -14.18
C LYS D 82 12.93 34.84 -14.30
N VAL D 83 12.86 34.02 -13.25
CA VAL D 83 12.04 32.80 -13.26
C VAL D 83 10.75 32.97 -12.41
N GLY D 84 9.69 32.27 -12.82
CA GLY D 84 8.39 32.35 -12.18
C GLY D 84 8.21 31.31 -11.09
N HIS D 85 7.36 31.64 -10.11
CA HIS D 85 7.16 30.90 -8.85
C HIS D 85 7.03 29.38 -8.92
N LYS D 86 6.12 28.91 -9.78
CA LYS D 86 5.83 27.49 -9.93
C LYS D 86 7.14 26.74 -10.06
N GLN D 87 7.89 27.17 -11.07
CA GLN D 87 9.16 26.61 -11.48
C GLN D 87 10.18 26.60 -10.35
N VAL D 88 10.39 27.77 -9.71
CA VAL D 88 11.25 27.83 -8.53
C VAL D 88 10.82 26.80 -7.47
N VAL D 89 9.51 26.69 -7.20
CA VAL D 89 9.01 25.66 -6.27
C VAL D 89 9.37 24.25 -6.75
N GLY D 90 9.22 24.00 -8.04
CA GLY D 90 9.50 22.68 -8.63
C GLY D 90 11.00 22.37 -8.67
N LEU D 91 11.81 23.41 -8.57
CA LEU D 91 13.26 23.28 -8.33
C LEU D 91 13.55 23.06 -6.85
N ILE D 92 12.74 23.65 -5.98
CA ILE D 92 12.72 23.31 -4.55
C ILE D 92 12.44 21.82 -4.34
N ARG D 93 11.23 21.37 -4.69
CA ARG D 93 10.87 19.97 -4.55
CA ARG D 93 10.86 19.95 -4.62
C ARG D 93 11.95 19.03 -5.16
N GLN D 94 12.67 19.52 -6.18
CA GLN D 94 13.78 18.80 -6.87
C GLN D 94 14.77 18.15 -5.88
N GLY D 95 15.55 18.99 -5.19
CA GLY D 95 16.50 18.53 -4.16
C GLY D 95 15.90 17.76 -2.99
N GLY D 96 14.57 17.84 -2.86
CA GLY D 96 13.83 17.14 -1.81
C GLY D 96 14.26 17.66 -0.46
N ASN D 97 15.04 16.87 0.24
CA ASN D 97 15.59 17.30 1.53
C ASN D 97 16.77 18.29 1.43
N ARG D 98 17.39 18.40 0.25
CA ARG D 98 18.54 19.30 0.09
C ARG D 98 18.31 20.49 -0.82
N LEU D 99 18.80 21.67 -0.43
CA LEU D 99 18.61 22.84 -1.25
C LEU D 99 19.78 23.80 -1.24
N VAL D 100 20.14 24.25 -2.42
CA VAL D 100 21.22 25.22 -2.59
C VAL D 100 20.61 26.50 -3.13
N MET D 101 20.80 27.56 -2.36
CA MET D 101 20.27 28.84 -2.78
C MET D 101 21.35 29.87 -2.66
N LYS D 102 21.62 30.53 -3.78
CA LYS D 102 22.49 31.70 -3.80
C LYS D 102 21.51 32.85 -3.68
N VAL D 103 21.77 33.79 -2.77
CA VAL D 103 20.83 34.89 -2.43
C VAL D 103 21.53 36.25 -2.33
N VAL D 104 20.76 37.34 -2.34
CA VAL D 104 21.32 38.67 -2.01
C VAL D 104 20.53 39.38 -0.95
N SER D 105 21.28 40.07 -0.10
CA SER D 105 20.78 40.98 0.91
C SER D 105 21.00 42.43 0.46
N VAL D 106 19.90 43.16 0.34
CA VAL D 106 19.96 44.60 0.10
C VAL D 106 19.66 45.28 1.41
N THR D 107 20.45 46.29 1.73
CA THR D 107 20.36 47.00 3.02
C THR D 107 20.75 48.47 2.88
N ARG D 108 21.15 49.09 4.00
CA ARG D 108 21.40 50.52 4.12
CA ARG D 108 21.43 50.51 4.02
C ARG D 108 22.85 50.82 4.53
N LYS D 109 23.23 52.10 4.43
CA LYS D 109 24.49 52.63 4.96
C LYS D 109 24.36 54.08 5.50
N PRO D 110 23.52 54.95 4.85
CA PRO D 110 23.59 56.41 5.01
C PRO D 110 23.65 56.89 6.45
N SER E 5 32.88 33.16 0.20
CA SER E 5 32.98 31.71 0.47
C SER E 5 33.34 30.89 -0.78
N ASP E 6 33.21 29.57 -0.66
CA ASP E 6 33.83 28.64 -1.60
C ASP E 6 33.12 27.29 -1.47
N TYR E 7 33.22 26.47 -2.52
CA TYR E 7 32.77 25.06 -2.49
C TYR E 7 34.07 24.25 -2.43
N VAL E 8 34.03 22.94 -2.14
CA VAL E 8 35.24 22.04 -2.29
C VAL E 8 35.03 20.51 -2.09
N ILE E 9 35.83 19.68 -2.80
CA ILE E 9 35.47 18.30 -3.17
C ILE E 9 36.54 17.15 -3.03
N ASP E 10 36.20 16.12 -2.25
CA ASP E 10 37.07 14.94 -2.00
C ASP E 10 36.47 13.63 -2.52
N ASP E 11 37.11 13.03 -3.54
CA ASP E 11 36.62 11.80 -4.16
C ASP E 11 37.22 10.52 -3.57
N LYS E 12 36.38 9.52 -3.35
CA LYS E 12 36.75 8.28 -2.67
C LYS E 12 36.15 7.04 -3.35
N VAL E 13 36.88 5.94 -3.36
CA VAL E 13 36.31 4.62 -3.69
C VAL E 13 36.38 3.74 -2.47
N ALA E 14 35.26 3.08 -2.13
CA ALA E 14 35.20 2.19 -0.97
C ALA E 14 34.68 0.83 -1.35
N ILE E 15 35.34 -0.20 -0.84
CA ILE E 15 34.92 -1.60 -1.02
C ILE E 15 34.28 -2.14 0.25
N LEU E 16 32.94 -2.20 0.27
CA LEU E 16 32.20 -2.71 1.43
C LEU E 16 31.65 -4.12 1.23
N GLN E 17 32.13 -5.02 2.09
CA GLN E 17 31.85 -6.44 1.98
C GLN E 17 31.16 -6.87 3.26
N LYS E 18 29.98 -7.48 3.15
CA LYS E 18 29.13 -7.81 4.32
C LYS E 18 28.49 -9.19 4.26
N ARG E 19 28.13 -9.73 5.41
CA ARG E 19 27.36 -10.98 5.47
C ARG E 19 25.84 -10.76 5.39
N ASP E 20 25.10 -11.74 4.88
CA ASP E 20 23.64 -11.74 5.02
C ASP E 20 23.34 -11.75 6.52
N HIS E 21 22.20 -11.16 6.92
CA HIS E 21 21.89 -10.83 8.32
C HIS E 21 22.02 -9.33 8.52
N GLU E 22 23.26 -8.86 8.45
CA GLU E 22 23.59 -7.47 8.75
C GLU E 22 23.50 -6.57 7.53
N GLY E 23 23.23 -5.30 7.80
CA GLY E 23 23.04 -4.31 6.77
C GLY E 23 24.36 -3.69 6.40
N PHE E 24 24.32 -2.81 5.41
CA PHE E 24 25.50 -2.06 5.02
C PHE E 24 25.88 -1.04 6.09
N GLY E 25 24.86 -0.40 6.66
CA GLY E 25 25.06 0.62 7.67
C GLY E 25 24.87 2.04 7.15
N PHE E 26 24.05 2.17 6.10
CA PHE E 26 23.73 3.48 5.54
C PHE E 26 22.25 3.59 5.18
N VAL E 27 21.77 4.83 5.08
CA VAL E 27 20.54 5.07 4.32
C VAL E 27 20.70 6.12 3.25
N LEU E 28 20.13 5.79 2.10
CA LEU E 28 20.34 6.51 0.89
C LEU E 28 19.18 7.47 0.65
N PRO E 42 24.06 21.58 -7.49
CA PRO E 42 23.97 20.95 -8.81
C PRO E 42 23.91 21.97 -9.93
N THR E 43 25.05 22.52 -10.36
CA THR E 43 26.37 21.95 -10.07
C THR E 43 27.12 22.58 -8.88
N PRO E 44 28.45 22.86 -9.02
CA PRO E 44 29.37 22.87 -7.88
C PRO E 44 28.82 22.24 -6.59
N ALA E 45 29.29 22.72 -5.45
CA ALA E 45 28.65 22.49 -4.13
C ALA E 45 28.04 21.11 -3.91
N PHE E 46 26.78 20.99 -4.34
CA PHE E 46 26.02 19.74 -4.26
C PHE E 46 25.96 19.07 -5.65
N PRO E 47 26.74 17.99 -5.81
CA PRO E 47 27.26 17.49 -7.09
C PRO E 47 26.57 16.27 -7.67
N ALA E 48 25.81 15.54 -6.85
CA ALA E 48 25.04 14.39 -7.30
C ALA E 48 23.63 14.42 -6.71
N LEU E 49 22.69 13.86 -7.47
CA LEU E 49 21.31 13.69 -7.04
C LEU E 49 21.20 12.86 -5.74
N GLN E 50 22.11 11.90 -5.52
CA GLN E 50 21.93 11.00 -4.38
C GLN E 50 23.03 11.10 -3.32
N TYR E 51 22.62 10.95 -2.06
CA TYR E 51 23.54 11.01 -0.91
C TYR E 51 23.25 10.02 0.23
N LEU E 52 24.17 10.00 1.20
CA LEU E 52 24.09 9.14 2.35
C LEU E 52 23.74 10.05 3.52
N GLU E 53 22.47 9.98 3.94
CA GLU E 53 21.91 10.81 5.02
C GLU E 53 22.53 10.35 6.34
N SER E 54 22.60 9.04 6.52
CA SER E 54 23.24 8.49 7.71
C SER E 54 24.22 7.39 7.33
N VAL E 55 25.32 7.34 8.07
CA VAL E 55 26.30 6.24 8.03
C VAL E 55 26.55 5.81 9.47
N ASP E 56 26.16 4.57 9.81
CA ASP E 56 26.26 4.09 11.20
C ASP E 56 27.71 3.77 11.58
N VAL E 57 28.17 4.36 12.68
CA VAL E 57 29.52 4.12 13.25
C VAL E 57 29.80 2.64 13.49
N GLU E 58 30.95 2.17 12.99
CA GLU E 58 31.38 0.78 13.16
C GLU E 58 30.43 -0.21 12.48
N GLY E 59 29.74 0.25 11.44
CA GLY E 59 28.99 -0.63 10.55
C GLY E 59 29.83 -0.74 9.29
N VAL E 60 29.53 -1.73 8.45
CA VAL E 60 30.30 -1.98 7.21
C VAL E 60 30.73 -0.73 6.44
N ALA E 61 29.77 0.17 6.18
CA ALA E 61 29.99 1.34 5.30
C ALA E 61 30.95 2.37 5.88
N TRP E 62 30.78 2.67 7.16
CA TRP E 62 31.71 3.52 7.91
C TRP E 62 33.14 3.02 7.85
N ARG E 63 33.32 1.74 8.11
CA ARG E 63 34.64 1.10 8.22
C ARG E 63 35.34 0.94 6.86
N ALA E 64 34.54 0.96 5.78
CA ALA E 64 35.07 0.99 4.40
C ALA E 64 35.47 2.39 3.91
N GLY E 65 35.04 3.43 4.62
CA GLY E 65 35.49 4.79 4.36
C GLY E 65 34.39 5.82 4.10
N LEU E 66 33.15 5.37 4.19
CA LEU E 66 32.02 6.22 3.84
C LEU E 66 31.52 7.03 5.01
N ARG E 67 31.12 8.27 4.75
CA ARG E 67 30.61 9.12 5.82
C ARG E 67 29.30 9.80 5.45
N THR E 68 28.55 10.18 6.49
CA THR E 68 27.37 11.04 6.34
C THR E 68 27.59 12.23 5.38
N GLY E 69 26.76 12.35 4.36
CA GLY E 69 26.85 13.51 3.44
C GLY E 69 27.66 13.29 2.17
N ASP E 70 28.25 12.10 2.04
CA ASP E 70 28.88 11.67 0.79
C ASP E 70 27.82 11.53 -0.33
N PHE E 71 28.13 12.04 -1.52
CA PHE E 71 27.28 11.94 -2.72
C PHE E 71 27.65 10.79 -3.66
N LEU E 72 26.67 9.95 -4.00
CA LEU E 72 26.95 8.81 -4.88
C LEU E 72 27.31 9.24 -6.29
N ILE E 73 28.47 8.79 -6.75
CA ILE E 73 28.83 9.02 -8.13
C ILE E 73 28.61 7.69 -8.87
N GLU E 74 29.16 6.58 -8.36
CA GLU E 74 28.80 5.24 -8.87
C GLU E 74 28.64 4.10 -7.86
N VAL E 75 27.79 3.14 -8.22
CA VAL E 75 27.58 1.89 -7.47
C VAL E 75 27.85 0.72 -8.42
N ASN E 76 29.04 0.11 -8.28
CA ASN E 76 29.56 -1.01 -9.11
C ASN E 76 30.20 -0.60 -10.47
N GLY E 77 30.07 0.67 -10.86
CA GLY E 77 30.64 1.18 -12.13
C GLY E 77 29.54 1.71 -13.05
N VAL E 78 28.32 1.59 -12.56
CA VAL E 78 27.15 2.25 -13.11
C VAL E 78 27.21 3.67 -12.55
N ASN E 79 27.54 4.62 -13.42
CA ASN E 79 27.52 6.03 -13.06
C ASN E 79 26.07 6.40 -12.71
N VAL E 80 25.87 7.03 -11.54
CA VAL E 80 24.50 7.37 -11.08
C VAL E 80 24.31 8.82 -10.65
N VAL E 81 25.15 9.70 -11.16
CA VAL E 81 25.17 11.10 -10.72
C VAL E 81 23.88 11.87 -11.02
N LYS E 82 23.12 11.42 -12.02
CA LYS E 82 21.79 11.97 -12.29
C LYS E 82 20.79 10.84 -12.55
N VAL E 83 20.94 9.76 -11.80
CA VAL E 83 19.96 8.67 -11.79
C VAL E 83 19.20 8.68 -10.47
N GLY E 84 17.97 8.18 -10.51
CA GLY E 84 17.09 8.20 -9.34
C GLY E 84 17.27 7.13 -8.28
N HIS E 85 16.88 7.51 -7.05
CA HIS E 85 16.84 6.65 -5.87
C HIS E 85 16.21 5.30 -6.21
N LYS E 86 15.14 5.37 -7.00
CA LYS E 86 14.52 4.22 -7.67
C LYS E 86 15.56 3.25 -8.27
N GLN E 87 16.24 3.69 -9.32
CA GLN E 87 17.19 2.89 -10.05
C GLN E 87 18.53 2.71 -9.32
N VAL E 88 18.80 3.54 -8.31
CA VAL E 88 20.02 3.30 -7.52
C VAL E 88 19.88 2.12 -6.53
N VAL E 89 18.79 2.07 -5.74
CA VAL E 89 18.59 0.91 -4.87
C VAL E 89 18.58 -0.37 -5.73
N GLY E 90 18.16 -0.23 -6.98
CA GLY E 90 18.25 -1.28 -7.99
C GLY E 90 19.63 -1.37 -8.61
N LEU E 91 20.63 -1.52 -7.74
CA LEU E 91 21.99 -1.91 -8.05
C LEU E 91 22.54 -2.44 -6.73
N ILE E 92 22.21 -1.75 -5.64
CA ILE E 92 22.57 -2.16 -4.27
C ILE E 92 21.99 -3.52 -3.88
N ARG E 93 20.77 -3.78 -4.32
CA ARG E 93 20.21 -5.12 -4.22
C ARG E 93 20.83 -6.14 -5.18
N GLN E 94 21.35 -5.68 -6.33
CA GLN E 94 21.90 -6.58 -7.35
CA GLN E 94 21.91 -6.56 -7.36
C GLN E 94 23.26 -7.17 -6.93
N GLY E 95 24.11 -6.32 -6.36
CA GLY E 95 25.47 -6.72 -5.97
C GLY E 95 25.57 -7.53 -4.68
N GLY E 96 24.44 -7.91 -4.10
CA GLY E 96 24.43 -8.68 -2.86
C GLY E 96 25.16 -7.99 -1.73
N ASN E 97 25.89 -8.78 -0.96
CA ASN E 97 26.62 -8.30 0.22
C ASN E 97 27.94 -7.60 -0.11
N ARG E 98 28.06 -7.04 -1.31
CA ARG E 98 29.33 -6.43 -1.71
C ARG E 98 28.97 -5.21 -2.52
N LEU E 99 29.52 -4.07 -2.15
CA LEU E 99 29.23 -2.85 -2.84
C LEU E 99 30.46 -1.97 -3.02
N VAL E 100 30.68 -1.54 -4.25
CA VAL E 100 31.69 -0.56 -4.57
C VAL E 100 31.04 0.78 -4.92
N MET E 101 31.35 1.79 -4.12
CA MET E 101 30.78 3.09 -4.32
C MET E 101 31.91 4.08 -4.50
N LYS E 102 31.78 4.89 -5.54
CA LYS E 102 32.63 6.04 -5.78
C LYS E 102 31.82 7.22 -5.34
N VAL E 103 32.27 7.88 -4.29
CA VAL E 103 31.56 9.05 -3.81
C VAL E 103 32.42 10.31 -3.75
N VAL E 104 31.80 11.45 -3.48
CA VAL E 104 32.54 12.65 -3.14
C VAL E 104 32.10 13.19 -1.78
N SER E 105 33.06 13.72 -1.04
CA SER E 105 32.79 14.43 0.21
C SER E 105 33.08 15.91 0.01
N VAL E 106 32.09 16.75 0.28
CA VAL E 106 32.18 18.19 0.02
C VAL E 106 32.37 18.98 1.33
N THR E 107 33.12 20.08 1.23
CA THR E 107 33.49 20.93 2.37
C THR E 107 33.72 22.36 1.88
N ARG E 108 33.34 23.33 2.71
CA ARG E 108 33.31 24.72 2.29
C ARG E 108 34.11 25.62 3.25
N LYS E 109 35.23 26.15 2.77
CA LYS E 109 35.98 27.22 3.47
C LYS E 109 36.89 28.02 2.52
N SER F 5 -0.69 16.54 -14.85
CA SER F 5 0.19 16.77 -16.04
C SER F 5 0.79 15.48 -16.62
N ASP F 6 0.76 14.39 -15.84
CA ASP F 6 1.46 13.13 -16.18
C ASP F 6 0.54 11.95 -16.42
N TYR F 7 1.09 10.92 -17.06
CA TYR F 7 0.41 9.68 -17.38
C TYR F 7 1.42 8.52 -17.40
N VAL F 8 1.15 7.48 -16.62
CA VAL F 8 2.05 6.31 -16.53
C VAL F 8 1.51 5.07 -17.25
N ILE F 9 2.21 4.67 -18.29
CA ILE F 9 1.82 3.54 -19.10
C ILE F 9 2.70 2.36 -18.70
N ASP F 10 2.09 1.36 -18.08
CA ASP F 10 2.81 0.17 -17.70
C ASP F 10 2.51 -0.89 -18.73
N ASP F 11 3.52 -1.31 -19.48
CA ASP F 11 3.33 -2.43 -20.39
C ASP F 11 3.69 -3.72 -19.65
N LYS F 12 2.80 -4.68 -19.70
CA LYS F 12 3.06 -6.02 -19.24
C LYS F 12 2.51 -7.01 -20.26
N VAL F 13 3.34 -7.97 -20.60
CA VAL F 13 2.90 -9.14 -21.30
C VAL F 13 2.43 -10.09 -20.21
N ALA F 14 1.29 -10.74 -20.44
CA ALA F 14 0.78 -11.78 -19.56
C ALA F 14 0.37 -13.08 -20.26
N ILE F 15 1.00 -14.17 -19.86
CA ILE F 15 0.69 -15.51 -20.35
C ILE F 15 -0.34 -16.16 -19.44
N LEU F 16 -1.43 -16.66 -20.00
CA LEU F 16 -2.47 -17.30 -19.21
C LEU F 16 -2.81 -18.71 -19.68
N GLN F 17 -2.30 -19.69 -18.95
CA GLN F 17 -2.73 -21.09 -19.11
C GLN F 17 -3.78 -21.35 -18.02
N LYS F 18 -4.93 -21.89 -18.39
CA LYS F 18 -5.93 -22.30 -17.40
C LYS F 18 -6.17 -23.82 -17.42
N ARG F 19 -7.43 -24.24 -17.33
CA ARG F 19 -7.80 -25.65 -17.33
C ARG F 19 -9.25 -25.66 -17.81
N ASP F 20 -9.73 -26.82 -18.29
CA ASP F 20 -10.95 -26.93 -19.16
C ASP F 20 -12.22 -26.14 -18.80
N HIS F 21 -12.15 -24.86 -19.07
CA HIS F 21 -13.00 -23.84 -18.46
C HIS F 21 -13.23 -23.86 -16.94
N GLU F 22 -12.10 -23.67 -16.26
CA GLU F 22 -11.97 -22.62 -15.28
C GLU F 22 -12.19 -21.38 -16.12
N GLY F 23 -12.28 -20.22 -15.48
CA GLY F 23 -12.11 -18.96 -16.20
C GLY F 23 -10.70 -18.47 -15.98
N PHE F 24 -10.39 -17.29 -16.47
CA PHE F 24 -9.07 -16.69 -16.29
C PHE F 24 -9.09 -15.81 -15.05
N GLY F 25 -10.26 -15.69 -14.45
CA GLY F 25 -10.47 -14.79 -13.32
C GLY F 25 -10.51 -13.34 -13.79
N PHE F 26 -10.97 -13.13 -15.02
CA PHE F 26 -11.12 -11.78 -15.55
C PHE F 26 -12.49 -11.51 -16.14
N VAL F 27 -13.01 -10.36 -15.77
CA VAL F 27 -14.22 -9.81 -16.37
C VAL F 27 -13.78 -8.67 -17.28
N LEU F 28 -14.28 -8.70 -18.50
CA LEU F 28 -13.90 -7.72 -19.52
C LEU F 28 -15.04 -6.80 -19.89
N ARG F 29 -14.76 -5.50 -19.84
CA ARG F 29 -15.67 -4.48 -20.33
C ARG F 29 -15.07 -3.85 -21.58
N GLY F 30 -15.91 -3.18 -22.37
CA GLY F 30 -15.42 -2.56 -23.60
C GLY F 30 -16.48 -2.15 -24.61
N ALA F 31 -16.06 -1.30 -25.54
CA ALA F 31 -16.87 -0.80 -26.67
C ALA F 31 -18.17 -0.07 -26.29
N GLU F 39 -11.58 5.12 -37.19
CA GLU F 39 -11.23 6.37 -36.55
C GLU F 39 -10.53 6.14 -35.22
N PHE F 40 -11.31 6.08 -34.13
CA PHE F 40 -10.83 6.15 -32.74
C PHE F 40 -9.37 6.57 -32.52
N THR F 41 -9.19 7.63 -31.73
CA THR F 41 -7.87 8.15 -31.40
C THR F 41 -7.51 7.73 -29.97
N PRO F 42 -6.66 6.68 -29.82
CA PRO F 42 -6.10 6.37 -28.49
C PRO F 42 -5.26 7.51 -27.91
N THR F 43 -5.31 7.64 -26.58
CA THR F 43 -4.54 8.63 -25.82
C THR F 43 -4.05 7.96 -24.54
N PRO F 44 -3.06 8.58 -23.87
CA PRO F 44 -2.58 8.08 -22.57
C PRO F 44 -3.68 7.70 -21.56
N ALA F 45 -4.71 8.51 -21.41
CA ALA F 45 -5.79 8.23 -20.43
C ALA F 45 -6.75 7.15 -20.92
N PHE F 46 -6.70 6.92 -22.24
CA PHE F 46 -7.73 6.22 -22.96
C PHE F 46 -7.11 5.51 -24.20
N PRO F 47 -6.22 4.51 -23.97
CA PRO F 47 -5.30 4.02 -25.04
C PRO F 47 -5.75 2.82 -25.88
N ALA F 48 -6.87 2.23 -25.52
CA ALA F 48 -7.44 1.09 -26.20
C ALA F 48 -8.87 0.91 -25.71
N LEU F 49 -9.76 0.46 -26.60
CA LEU F 49 -11.20 0.29 -26.31
C LEU F 49 -11.54 -0.52 -25.06
N GLN F 50 -10.92 -1.70 -24.92
CA GLN F 50 -11.22 -2.65 -23.87
C GLN F 50 -10.25 -2.51 -22.71
N TYR F 51 -10.74 -2.84 -21.52
CA TYR F 51 -9.97 -2.81 -20.30
C TYR F 51 -10.51 -3.88 -19.35
N LEU F 52 -9.71 -4.25 -18.35
CA LEU F 52 -10.16 -5.13 -17.27
C LEU F 52 -10.85 -4.28 -16.20
N GLU F 53 -12.12 -4.57 -15.93
CA GLU F 53 -12.88 -3.87 -14.89
C GLU F 53 -12.60 -4.48 -13.52
N SER F 54 -12.36 -5.79 -13.51
CA SER F 54 -12.01 -6.51 -12.30
C SER F 54 -11.20 -7.74 -12.62
N VAL F 55 -10.33 -8.08 -11.67
CA VAL F 55 -9.57 -9.31 -11.73
C VAL F 55 -9.66 -9.93 -10.35
N ASP F 56 -10.60 -10.86 -10.19
CA ASP F 56 -10.74 -11.58 -8.93
C ASP F 56 -9.37 -12.13 -8.53
N VAL F 57 -9.08 -12.07 -7.23
CA VAL F 57 -7.69 -11.95 -6.74
C VAL F 57 -6.95 -13.26 -6.43
N GLU F 58 -5.62 -13.17 -6.60
CA GLU F 58 -4.64 -14.27 -6.56
C GLU F 58 -5.03 -15.49 -7.41
N GLY F 59 -5.86 -15.24 -8.44
CA GLY F 59 -6.30 -16.26 -9.41
C GLY F 59 -5.47 -16.24 -10.70
N VAL F 60 -6.03 -16.71 -11.81
CA VAL F 60 -5.25 -16.90 -13.04
C VAL F 60 -4.87 -15.61 -13.78
N ALA F 61 -5.84 -14.76 -14.12
CA ALA F 61 -5.49 -13.45 -14.71
C ALA F 61 -4.65 -12.67 -13.70
N TRP F 62 -4.94 -12.85 -12.41
CA TRP F 62 -4.19 -12.22 -11.35
C TRP F 62 -2.80 -12.84 -11.08
N ARG F 63 -2.65 -14.14 -11.34
CA ARG F 63 -1.35 -14.82 -11.18
C ARG F 63 -0.29 -14.10 -12.00
N ALA F 64 -0.63 -13.86 -13.28
CA ALA F 64 0.28 -13.36 -14.31
C ALA F 64 0.69 -11.91 -14.21
N GLY F 65 0.05 -11.16 -13.32
CA GLY F 65 0.33 -9.75 -13.13
C GLY F 65 -0.70 -8.82 -13.76
N LEU F 66 -1.86 -9.37 -14.12
CA LEU F 66 -2.94 -8.54 -14.66
C LEU F 66 -3.73 -7.93 -13.52
N ARG F 67 -4.17 -6.69 -13.71
CA ARG F 67 -4.80 -5.93 -12.64
CA ARG F 67 -4.83 -5.95 -12.64
C ARG F 67 -5.95 -5.07 -13.17
N THR F 68 -6.99 -4.94 -12.38
CA THR F 68 -8.09 -4.00 -12.64
C THR F 68 -7.62 -2.71 -13.32
N GLY F 69 -8.21 -2.37 -14.46
CA GLY F 69 -7.87 -1.13 -15.17
C GLY F 69 -6.95 -1.24 -16.38
N ASP F 70 -6.19 -2.32 -16.48
CA ASP F 70 -5.30 -2.54 -17.64
C ASP F 70 -6.10 -2.47 -18.96
N PHE F 71 -5.51 -1.83 -19.94
CA PHE F 71 -6.09 -1.80 -21.27
C PHE F 71 -5.37 -2.82 -22.07
N LEU F 72 -6.16 -3.64 -22.73
CA LEU F 72 -5.65 -4.71 -23.54
C LEU F 72 -5.11 -4.21 -24.89
N ILE F 73 -3.79 -4.31 -25.08
CA ILE F 73 -3.22 -3.89 -26.36
C ILE F 73 -3.20 -5.03 -27.40
N GLU F 74 -2.59 -6.17 -27.05
CA GLU F 74 -2.54 -7.37 -27.92
C GLU F 74 -2.99 -8.67 -27.24
N VAL F 75 -3.84 -9.46 -27.91
CA VAL F 75 -4.33 -10.80 -27.46
C VAL F 75 -4.05 -11.93 -28.47
N ASN F 76 -3.37 -12.99 -28.05
CA ASN F 76 -2.98 -14.10 -28.94
C ASN F 76 -2.32 -13.62 -30.24
N GLY F 77 -1.22 -12.89 -30.10
CA GLY F 77 -0.53 -12.29 -31.24
C GLY F 77 -1.19 -11.01 -31.79
N VAL F 78 -2.51 -10.87 -31.61
CA VAL F 78 -3.37 -9.91 -32.38
C VAL F 78 -3.80 -8.57 -31.72
N ASN F 79 -3.45 -7.45 -32.38
CA ASN F 79 -3.83 -6.06 -31.96
C ASN F 79 -5.34 -5.79 -31.89
N VAL F 80 -5.85 -5.49 -30.69
CA VAL F 80 -7.25 -5.09 -30.51
C VAL F 80 -7.41 -3.76 -29.78
N VAL F 81 -6.37 -2.92 -29.83
CA VAL F 81 -6.50 -1.53 -29.40
C VAL F 81 -7.82 -0.93 -29.91
N LYS F 82 -8.11 -1.17 -31.20
CA LYS F 82 -9.27 -0.52 -31.82
C LYS F 82 -10.48 -1.43 -32.03
N VAL F 83 -10.39 -2.69 -31.57
CA VAL F 83 -11.43 -3.68 -31.85
C VAL F 83 -12.57 -3.71 -30.80
N GLY F 84 -13.79 -3.87 -31.32
CA GLY F 84 -15.03 -3.87 -30.53
C GLY F 84 -15.13 -4.99 -29.51
N HIS F 85 -16.21 -4.92 -28.71
CA HIS F 85 -16.40 -5.82 -27.57
C HIS F 85 -16.58 -7.29 -27.92
N LYS F 86 -17.32 -7.53 -29.01
CA LYS F 86 -17.80 -8.84 -29.41
C LYS F 86 -16.65 -9.76 -29.76
N GLN F 87 -15.76 -9.30 -30.65
CA GLN F 87 -14.64 -10.11 -31.14
C GLN F 87 -13.66 -10.48 -30.03
N VAL F 88 -13.26 -9.49 -29.23
CA VAL F 88 -12.24 -9.71 -28.21
C VAL F 88 -12.65 -10.90 -27.36
N VAL F 89 -13.93 -10.95 -26.99
CA VAL F 89 -14.52 -12.12 -26.33
C VAL F 89 -14.32 -13.38 -27.18
N GLY F 90 -14.74 -13.33 -28.45
CA GLY F 90 -14.60 -14.48 -29.36
C GLY F 90 -13.16 -14.92 -29.60
N LEU F 91 -12.28 -13.94 -29.77
CA LEU F 91 -10.83 -14.16 -29.80
C LEU F 91 -10.28 -14.90 -28.59
N ILE F 92 -10.79 -14.55 -27.40
CA ILE F 92 -10.43 -15.22 -26.15
C ILE F 92 -11.01 -16.64 -26.12
N ARG F 93 -11.79 -16.98 -27.15
CA ARG F 93 -12.48 -18.28 -27.20
C ARG F 93 -11.85 -19.22 -28.21
N GLN F 94 -11.37 -18.67 -29.34
CA GLN F 94 -10.62 -19.44 -30.32
C GLN F 94 -9.19 -19.62 -29.79
N GLY F 95 -9.01 -19.39 -28.49
CA GLY F 95 -7.71 -19.48 -27.86
C GLY F 95 -7.24 -20.85 -27.41
N GLY F 96 -8.08 -21.53 -26.61
CA GLY F 96 -7.71 -22.75 -25.85
C GLY F 96 -7.73 -22.46 -24.36
N ASN F 97 -7.29 -23.41 -23.53
CA ASN F 97 -7.09 -23.15 -22.09
C ASN F 97 -5.93 -22.17 -21.84
N ARG F 98 -5.25 -21.77 -22.92
CA ARG F 98 -4.01 -21.03 -22.82
C ARG F 98 -4.01 -19.79 -23.69
N LEU F 99 -3.66 -18.63 -23.11
CA LEU F 99 -3.65 -17.36 -23.86
C LEU F 99 -2.61 -16.38 -23.33
N VAL F 100 -1.94 -15.70 -24.26
CA VAL F 100 -0.99 -14.62 -23.98
C VAL F 100 -1.66 -13.31 -24.32
N MET F 101 -1.40 -12.31 -23.50
CA MET F 101 -2.00 -10.99 -23.69
C MET F 101 -1.00 -9.94 -23.30
N LYS F 102 -0.86 -8.98 -24.19
CA LYS F 102 -0.13 -7.77 -23.92
C LYS F 102 -1.12 -6.69 -23.60
N VAL F 103 -0.87 -6.05 -22.48
CA VAL F 103 -1.77 -5.02 -22.03
C VAL F 103 -0.98 -3.78 -21.64
N VAL F 104 -1.70 -2.65 -21.51
CA VAL F 104 -1.19 -1.46 -20.83
C VAL F 104 -2.00 -1.08 -19.62
N SER F 105 -1.31 -0.76 -18.55
CA SER F 105 -1.95 -0.13 -17.41
C SER F 105 -1.79 1.36 -17.69
N VAL F 106 -2.79 2.14 -17.30
CA VAL F 106 -2.69 3.60 -17.43
C VAL F 106 -3.34 4.28 -16.24
N THR F 107 -2.52 5.03 -15.52
CA THR F 107 -3.03 5.86 -14.43
C THR F 107 -2.41 7.25 -14.51
N ARG F 108 -3.11 8.25 -13.99
CA ARG F 108 -2.89 9.64 -14.41
C ARG F 108 -2.11 10.53 -13.44
N ASP G 6 -10.37 -6.67 2.40
CA ASP G 6 -10.26 -8.08 1.98
C ASP G 6 -8.81 -8.46 2.07
N TYR G 7 -8.49 -9.20 3.12
CA TYR G 7 -7.18 -9.75 3.29
C TYR G 7 -7.25 -11.07 2.53
N VAL G 8 -6.21 -11.38 1.74
CA VAL G 8 -6.11 -12.74 1.16
C VAL G 8 -4.88 -13.41 1.79
N ILE G 9 -5.12 -14.55 2.44
CA ILE G 9 -4.09 -15.26 3.21
C ILE G 9 -3.72 -16.50 2.43
N ASP G 10 -2.44 -16.69 2.15
CA ASP G 10 -2.02 -17.92 1.49
C ASP G 10 -1.20 -18.79 2.41
N ASP G 11 -1.65 -20.02 2.58
CA ASP G 11 -1.02 -21.03 3.42
C ASP G 11 0.06 -21.69 2.56
N LYS G 12 1.33 -21.57 2.95
CA LYS G 12 2.45 -22.09 2.11
C LYS G 12 3.28 -23.15 2.87
N VAL G 13 3.63 -24.24 2.19
CA VAL G 13 4.76 -25.07 2.65
C VAL G 13 5.90 -24.84 1.65
N ALA G 14 7.08 -24.50 2.16
CA ALA G 14 8.24 -24.25 1.30
C ALA G 14 9.38 -25.21 1.70
N ILE G 15 9.89 -25.91 0.70
CA ILE G 15 11.00 -26.85 0.90
C ILE G 15 12.28 -26.29 0.30
N LEU G 16 13.21 -25.89 1.17
CA LEU G 16 14.48 -25.32 0.74
C LEU G 16 15.61 -26.34 0.90
N GLN G 17 16.18 -26.72 -0.24
CA GLN G 17 17.23 -27.75 -0.32
C GLN G 17 18.38 -27.04 -0.99
N LYS G 18 19.42 -26.73 -0.23
CA LYS G 18 20.57 -26.03 -0.79
C LYS G 18 21.80 -26.92 -0.84
N ARG G 19 22.81 -26.43 -1.52
CA ARG G 19 24.08 -27.10 -1.66
C ARG G 19 25.06 -26.50 -0.64
N ASP G 20 26.23 -27.08 -0.50
CA ASP G 20 27.16 -26.60 0.51
C ASP G 20 27.73 -25.22 0.18
N HIS G 21 27.75 -24.89 -1.11
CA HIS G 21 28.31 -23.63 -1.61
C HIS G 21 27.35 -22.45 -1.63
N GLU G 22 26.22 -22.57 -0.97
CA GLU G 22 25.22 -21.51 -1.02
C GLU G 22 24.54 -21.23 0.33
N GLY G 23 23.82 -20.11 0.39
CA GLY G 23 23.00 -19.80 1.56
C GLY G 23 21.54 -19.95 1.22
N PHE G 24 20.69 -19.89 2.24
CA PHE G 24 19.27 -20.07 2.00
C PHE G 24 18.65 -18.84 1.34
N GLY G 25 19.28 -17.67 1.48
CA GLY G 25 18.83 -16.51 0.71
C GLY G 25 17.70 -15.70 1.33
N PHE G 26 17.71 -15.62 2.65
CA PHE G 26 16.69 -14.87 3.33
C PHE G 26 17.14 -14.28 4.66
N VAL G 27 16.45 -13.21 5.06
CA VAL G 27 16.79 -12.50 6.27
C VAL G 27 15.51 -12.27 7.05
N LEU G 28 15.58 -12.47 8.36
CA LEU G 28 14.42 -12.39 9.23
C LEU G 28 14.32 -11.03 9.96
N ARG G 29 13.12 -10.46 9.96
CA ARG G 29 12.73 -9.46 10.94
C ARG G 29 12.23 -10.30 12.12
N GLU G 39 4.88 -9.54 25.07
CA GLU G 39 4.00 -10.30 24.19
C GLU G 39 3.52 -9.42 23.04
N PHE G 40 3.20 -10.05 21.91
CA PHE G 40 2.39 -9.40 20.88
C PHE G 40 1.28 -10.37 20.46
N THR G 41 0.31 -9.90 19.67
CA THR G 41 -0.82 -10.72 19.23
C THR G 41 -1.03 -10.68 17.69
N PRO G 42 -1.29 -11.85 17.06
CA PRO G 42 -1.38 -11.98 15.59
C PRO G 42 -2.56 -11.24 14.94
N THR G 43 -2.28 -10.15 14.20
CA THR G 43 -3.29 -9.43 13.40
C THR G 43 -3.25 -9.89 11.95
N PRO G 44 -4.37 -9.77 11.20
CA PRO G 44 -4.27 -10.32 9.85
C PRO G 44 -3.01 -9.81 9.12
N ALA G 45 -2.76 -8.50 9.16
CA ALA G 45 -1.53 -7.91 8.58
C ALA G 45 -0.22 -8.38 9.21
N PHE G 46 -0.26 -8.62 10.52
CA PHE G 46 0.87 -9.18 11.26
C PHE G 46 0.51 -10.48 11.99
N PRO G 47 0.34 -11.58 11.20
CA PRO G 47 -0.19 -12.85 11.69
C PRO G 47 0.75 -13.69 12.54
N ALA G 48 2.01 -13.34 12.61
CA ALA G 48 2.94 -14.11 13.45
C ALA G 48 4.08 -13.23 13.87
N LEU G 49 4.93 -13.76 14.76
CA LEU G 49 6.04 -12.97 15.29
C LEU G 49 7.12 -12.77 14.21
N GLN G 50 7.59 -13.87 13.63
CA GLN G 50 8.73 -13.88 12.71
C GLN G 50 8.34 -13.77 11.23
N TYR G 51 9.07 -12.94 10.49
CA TYR G 51 8.78 -12.72 9.08
C TYR G 51 10.01 -12.27 8.27
N LEU G 52 9.92 -12.43 6.95
CA LEU G 52 11.04 -12.16 6.05
C LEU G 52 11.26 -10.66 5.80
N GLU G 53 12.46 -10.18 6.13
CA GLU G 53 12.80 -8.76 6.01
C GLU G 53 13.38 -8.56 4.61
N SER G 54 14.13 -9.55 4.15
CA SER G 54 14.60 -9.61 2.76
CA SER G 54 14.55 -9.61 2.74
C SER G 54 14.74 -11.05 2.27
N VAL G 55 14.72 -11.20 0.95
CA VAL G 55 14.95 -12.45 0.24
C VAL G 55 15.84 -12.10 -0.98
N ASP G 56 16.83 -12.93 -1.30
CA ASP G 56 17.60 -12.73 -2.53
C ASP G 56 16.81 -13.28 -3.70
N VAL G 57 16.83 -12.60 -4.84
CA VAL G 57 16.06 -13.04 -6.00
C VAL G 57 16.81 -14.20 -6.67
N GLU G 58 16.09 -15.23 -7.12
CA GLU G 58 16.65 -16.48 -7.66
C GLU G 58 17.48 -17.28 -6.64
N GLY G 59 17.48 -16.82 -5.39
CA GLY G 59 18.02 -17.59 -4.26
C GLY G 59 17.24 -18.89 -4.08
N VAL G 60 17.54 -19.62 -3.02
CA VAL G 60 16.91 -20.92 -2.83
C VAL G 60 15.49 -20.69 -2.29
N ALA G 61 15.41 -19.81 -1.29
CA ALA G 61 14.12 -19.32 -0.76
C ALA G 61 13.16 -18.87 -1.87
N TRP G 62 13.59 -17.85 -2.64
CA TRP G 62 12.82 -17.37 -3.80
C TRP G 62 12.26 -18.48 -4.69
N ARG G 63 13.06 -19.51 -4.98
CA ARG G 63 12.61 -20.58 -5.89
C ARG G 63 11.64 -21.56 -5.20
N ALA G 64 11.77 -21.71 -3.87
CA ALA G 64 10.87 -22.54 -3.11
C ALA G 64 9.51 -21.84 -2.92
N GLY G 65 9.45 -20.57 -3.28
CA GLY G 65 8.21 -19.81 -3.30
C GLY G 65 8.11 -18.64 -2.35
N LEU G 66 9.19 -18.36 -1.61
CA LEU G 66 9.21 -17.31 -0.54
C LEU G 66 9.39 -15.86 -1.04
N ARG G 67 8.72 -14.91 -0.42
CA ARG G 67 8.77 -13.53 -0.85
C ARG G 67 8.89 -12.67 0.37
N THR G 68 9.46 -11.48 0.18
CA THR G 68 9.59 -10.57 1.32
C THR G 68 8.20 -10.42 1.93
N GLY G 69 8.17 -10.43 3.26
CA GLY G 69 6.95 -10.27 4.00
C GLY G 69 6.23 -11.56 4.34
N ASP G 70 6.71 -12.72 3.85
CA ASP G 70 6.12 -14.03 4.23
C ASP G 70 6.35 -14.31 5.69
N PHE G 71 5.31 -14.78 6.37
CA PHE G 71 5.32 -15.04 7.82
C PHE G 71 5.53 -16.51 8.18
N LEU G 72 6.41 -16.74 9.13
CA LEU G 72 6.76 -18.08 9.61
C LEU G 72 5.77 -18.68 10.63
N ILE G 73 5.09 -19.74 10.22
CA ILE G 73 4.23 -20.50 11.12
C ILE G 73 4.96 -21.67 11.73
N GLU G 74 5.68 -22.42 10.91
CA GLU G 74 6.42 -23.60 11.38
C GLU G 74 7.77 -23.73 10.70
N VAL G 75 8.76 -24.17 11.49
CA VAL G 75 10.11 -24.41 11.01
C VAL G 75 10.47 -25.82 11.46
N ASN G 76 10.70 -26.67 10.46
CA ASN G 76 11.06 -28.08 10.67
C ASN G 76 10.12 -28.85 11.63
N GLY G 77 8.80 -28.65 11.51
CA GLY G 77 7.79 -29.27 12.39
C GLY G 77 7.59 -28.73 13.81
N VAL G 78 8.27 -27.64 14.14
CA VAL G 78 8.05 -26.79 15.32
C VAL G 78 7.27 -25.50 15.01
N ASN G 79 6.14 -25.30 15.68
CA ASN G 79 5.39 -24.08 15.47
C ASN G 79 6.11 -22.91 16.14
N VAL G 80 6.41 -21.89 15.33
CA VAL G 80 7.22 -20.74 15.79
C VAL G 80 6.46 -19.38 15.82
N VAL G 81 5.14 -19.45 15.77
CA VAL G 81 4.23 -18.30 15.73
C VAL G 81 4.52 -17.28 16.83
N LYS G 82 4.91 -17.74 18.01
CA LYS G 82 5.22 -16.81 19.11
C LYS G 82 6.60 -17.11 19.69
N VAL G 83 7.51 -17.67 18.88
CA VAL G 83 8.88 -18.00 19.30
C VAL G 83 9.86 -16.92 18.91
N GLY G 84 10.83 -16.65 19.80
CA GLY G 84 11.81 -15.57 19.61
C GLY G 84 12.80 -15.85 18.49
N HIS G 85 13.45 -14.78 18.02
CA HIS G 85 14.32 -14.81 16.84
C HIS G 85 15.45 -15.86 16.89
N LYS G 86 16.12 -15.99 18.03
CA LYS G 86 17.27 -16.90 18.10
C LYS G 86 16.85 -18.35 18.08
N GLN G 87 15.70 -18.63 18.67
CA GLN G 87 15.21 -20.00 18.76
C GLN G 87 14.86 -20.40 17.33
N VAL G 88 14.31 -19.47 16.56
CA VAL G 88 14.02 -19.73 15.14
C VAL G 88 15.32 -20.00 14.36
N VAL G 89 16.35 -19.19 14.65
CA VAL G 89 17.64 -19.37 14.00
C VAL G 89 18.22 -20.76 14.28
N GLY G 90 18.26 -21.17 15.56
CA GLY G 90 18.75 -22.50 15.90
C GLY G 90 17.94 -23.63 15.29
N LEU G 91 16.67 -23.36 15.00
CA LEU G 91 15.81 -24.30 14.28
C LEU G 91 16.13 -24.32 12.79
N ILE G 92 16.59 -23.19 12.26
CA ILE G 92 17.06 -23.14 10.87
C ILE G 92 18.36 -23.96 10.73
N ARG G 93 19.28 -23.79 11.68
CA ARG G 93 20.62 -24.37 11.58
C ARG G 93 20.63 -25.87 11.89
N GLN G 94 19.52 -26.31 12.47
CA GLN G 94 19.22 -27.68 12.82
C GLN G 94 19.41 -28.66 11.64
N GLY G 95 18.82 -28.33 10.50
CA GLY G 95 18.75 -29.25 9.35
C GLY G 95 19.92 -29.08 8.40
N GLY G 96 20.87 -28.23 8.80
CA GLY G 96 22.04 -27.89 8.05
C GLY G 96 21.66 -27.22 6.76
N ASN G 97 21.49 -28.07 5.73
CA ASN G 97 21.27 -27.68 4.37
C ASN G 97 19.84 -27.92 3.86
N ARG G 98 19.08 -28.76 4.55
CA ARG G 98 17.63 -28.81 4.28
C ARG G 98 16.84 -28.05 5.36
N LEU G 99 15.71 -27.50 4.93
CA LEU G 99 14.89 -26.61 5.74
C LEU G 99 13.49 -26.66 5.14
N VAL G 100 12.51 -26.97 5.98
CA VAL G 100 11.08 -26.95 5.64
C VAL G 100 10.44 -25.87 6.49
N MET G 101 9.60 -25.04 5.88
CA MET G 101 8.83 -24.06 6.65
C MET G 101 7.36 -24.00 6.17
N LYS G 102 6.45 -23.77 7.11
CA LYS G 102 5.11 -23.36 6.77
C LYS G 102 5.11 -21.86 7.07
N VAL G 103 4.71 -21.06 6.04
CA VAL G 103 4.67 -19.62 6.00
C VAL G 103 3.30 -19.11 5.49
N VAL G 104 2.95 -17.89 5.86
CA VAL G 104 1.75 -17.25 5.29
C VAL G 104 2.17 -15.98 4.61
N SER G 105 1.53 -15.70 3.48
CA SER G 105 1.66 -14.44 2.82
C SER G 105 0.26 -13.82 2.91
N VAL G 106 0.23 -12.57 3.29
CA VAL G 106 -1.05 -11.91 3.53
C VAL G 106 -1.06 -10.69 2.66
N THR G 107 -1.95 -10.65 1.70
CA THR G 107 -2.03 -9.47 0.87
C THR G 107 -3.39 -8.79 0.99
N ARG G 108 -3.39 -7.49 0.72
CA ARG G 108 -4.56 -6.63 0.84
C ARG G 108 -5.03 -6.18 -0.55
N LYS G 109 -5.96 -6.93 -1.11
CA LYS G 109 -6.72 -6.53 -2.30
C LYS G 109 -8.17 -6.96 -2.15
N ASP H 6 9.79 -11.62 -17.43
CA ASP H 6 10.66 -12.38 -18.37
C ASP H 6 10.03 -13.71 -18.75
N TYR H 7 10.49 -14.29 -19.86
CA TYR H 7 10.16 -15.65 -20.20
C TYR H 7 11.24 -16.56 -19.65
N VAL H 8 10.82 -17.59 -18.94
CA VAL H 8 11.72 -18.61 -18.39
C VAL H 8 11.42 -19.93 -19.09
N ILE H 9 12.20 -20.23 -20.13
CA ILE H 9 12.01 -21.48 -20.85
C ILE H 9 12.71 -22.59 -20.10
N ASP H 10 11.98 -23.69 -19.91
CA ASP H 10 12.52 -24.85 -19.23
C ASP H 10 12.44 -26.03 -20.15
N ASP H 11 13.61 -26.58 -20.44
CA ASP H 11 13.75 -27.75 -21.27
C ASP H 11 13.60 -29.02 -20.41
N LYS H 12 12.77 -29.95 -20.85
CA LYS H 12 12.55 -31.20 -20.11
C LYS H 12 12.45 -32.35 -21.09
N VAL H 13 12.96 -33.51 -20.69
CA VAL H 13 12.65 -34.74 -21.42
C VAL H 13 11.72 -35.56 -20.55
N ALA H 14 10.59 -35.97 -21.14
CA ALA H 14 9.61 -36.80 -20.45
C ALA H 14 9.58 -38.25 -20.93
N ILE H 15 9.98 -39.15 -20.06
CA ILE H 15 9.84 -40.57 -20.32
C ILE H 15 8.57 -41.12 -19.63
N LEU H 16 7.61 -41.54 -20.45
CA LEU H 16 6.29 -41.96 -20.00
C LEU H 16 6.15 -43.48 -20.10
N GLN H 17 6.19 -44.14 -18.96
CA GLN H 17 6.10 -45.59 -18.92
C GLN H 17 4.75 -45.99 -18.32
N LYS H 18 3.90 -46.61 -19.13
CA LYS H 18 2.57 -47.01 -18.65
C LYS H 18 2.40 -48.52 -18.47
N ARG H 19 1.68 -48.90 -17.42
CA ARG H 19 1.32 -50.29 -17.21
C ARG H 19 0.15 -50.60 -18.15
N ASP H 20 -0.07 -51.87 -18.48
CA ASP H 20 -1.04 -52.27 -19.51
C ASP H 20 -2.45 -51.69 -19.33
N HIS H 21 -2.86 -51.57 -18.07
CA HIS H 21 -4.16 -51.04 -17.67
C HIS H 21 -4.14 -49.53 -17.48
N GLU H 22 -3.20 -48.85 -18.13
CA GLU H 22 -3.09 -47.41 -17.98
C GLU H 22 -3.12 -46.68 -19.30
N GLY H 23 -3.59 -45.43 -19.26
CA GLY H 23 -3.35 -44.46 -20.32
C GLY H 23 -2.24 -43.58 -19.78
N PHE H 24 -1.77 -42.65 -20.60
CA PHE H 24 -0.75 -41.71 -20.15
C PHE H 24 -1.36 -40.50 -19.47
N GLY H 25 -2.55 -40.11 -19.92
CA GLY H 25 -3.34 -39.07 -19.25
C GLY H 25 -3.01 -37.64 -19.60
N PHE H 26 -3.16 -37.32 -20.89
CA PHE H 26 -2.89 -35.98 -21.41
C PHE H 26 -3.63 -35.78 -22.75
N VAL H 27 -3.87 -34.52 -23.09
CA VAL H 27 -4.50 -34.17 -24.37
C VAL H 27 -3.84 -32.90 -24.93
N LEU H 28 -3.75 -32.78 -26.26
CA LEU H 28 -2.85 -31.81 -26.92
C LEU H 28 -3.40 -30.40 -27.28
N ARG H 29 -3.95 -30.25 -28.50
CA ARG H 29 -4.35 -28.96 -29.07
C ARG H 29 -4.87 -27.89 -28.10
N GLU H 39 3.05 -22.07 -43.01
CA GLU H 39 4.11 -21.55 -42.15
C GLU H 39 3.59 -21.15 -40.76
N PHE H 40 3.90 -21.99 -39.77
CA PHE H 40 3.65 -21.66 -38.37
C PHE H 40 4.60 -20.55 -37.92
N THR H 41 4.12 -19.70 -37.01
CA THR H 41 4.91 -18.62 -36.47
C THR H 41 4.99 -18.67 -34.93
N PRO H 42 6.22 -18.86 -34.40
CA PRO H 42 6.68 -18.91 -33.00
C PRO H 42 6.46 -17.66 -32.13
N THR H 43 6.84 -17.80 -30.85
CA THR H 43 6.95 -16.74 -29.82
C THR H 43 7.07 -17.50 -28.50
N PRO H 44 7.90 -17.01 -27.57
CA PRO H 44 8.13 -17.76 -26.32
C PRO H 44 6.84 -18.32 -25.75
N ALA H 45 5.87 -17.42 -25.56
CA ALA H 45 4.49 -17.78 -25.23
C ALA H 45 4.01 -19.08 -25.91
N PHE H 46 3.99 -19.08 -27.25
CA PHE H 46 3.76 -20.34 -28.00
C PHE H 46 4.96 -20.82 -28.85
N PRO H 47 5.92 -21.54 -28.20
CA PRO H 47 7.16 -21.89 -28.90
C PRO H 47 7.03 -23.01 -29.94
N ALA H 48 5.99 -23.84 -29.81
CA ALA H 48 5.75 -24.97 -30.71
C ALA H 48 4.26 -25.16 -31.09
N LEU H 49 4.01 -26.06 -32.04
CA LEU H 49 2.65 -26.23 -32.56
C LEU H 49 1.71 -26.96 -31.61
N GLN H 50 2.22 -27.99 -30.97
CA GLN H 50 1.41 -28.90 -30.15
C GLN H 50 1.76 -28.77 -28.68
N TYR H 51 0.88 -28.10 -27.93
CA TYR H 51 1.05 -27.85 -26.50
C TYR H 51 0.13 -28.77 -25.73
N LEU H 52 0.27 -28.84 -24.40
CA LEU H 52 -0.63 -29.64 -23.57
C LEU H 52 -1.86 -28.85 -23.08
N GLU H 53 -3.03 -29.49 -23.19
CA GLU H 53 -4.31 -28.85 -22.92
C GLU H 53 -4.83 -29.33 -21.56
N SER H 54 -4.55 -30.60 -21.26
CA SER H 54 -4.88 -31.24 -19.99
C SER H 54 -3.78 -32.24 -19.63
N VAL H 55 -3.55 -32.42 -18.34
CA VAL H 55 -2.39 -33.18 -17.86
C VAL H 55 -2.67 -34.08 -16.67
N ASP H 56 -3.91 -34.57 -16.58
CA ASP H 56 -4.42 -35.38 -15.48
C ASP H 56 -3.40 -35.62 -14.37
N VAL H 57 -3.56 -34.90 -13.26
CA VAL H 57 -2.64 -35.03 -12.12
C VAL H 57 -2.64 -36.46 -11.59
N GLU H 58 -1.46 -36.89 -11.13
CA GLU H 58 -1.21 -38.23 -10.60
C GLU H 58 -1.23 -39.32 -11.68
N GLY H 59 -1.61 -38.95 -12.91
CA GLY H 59 -1.53 -39.87 -14.05
C GLY H 59 -0.11 -40.03 -14.55
N VAL H 60 0.08 -40.93 -15.51
CA VAL H 60 1.40 -41.24 -16.08
C VAL H 60 2.10 -40.00 -16.67
N ALA H 61 1.32 -39.12 -17.29
CA ALA H 61 1.86 -37.91 -17.90
C ALA H 61 2.38 -37.03 -16.80
N TRP H 62 1.61 -36.96 -15.71
CA TRP H 62 1.95 -36.15 -14.54
C TRP H 62 3.25 -36.63 -13.87
N ARG H 63 3.31 -37.92 -13.51
CA ARG H 63 4.46 -38.56 -12.83
C ARG H 63 5.85 -38.42 -13.50
N ALA H 64 5.86 -38.18 -14.80
CA ALA H 64 7.11 -37.98 -15.51
C ALA H 64 7.45 -36.48 -15.56
N GLY H 65 6.65 -35.68 -14.86
CA GLY H 65 6.92 -34.25 -14.72
C GLY H 65 6.34 -33.34 -15.78
N LEU H 66 5.49 -33.86 -16.66
CA LEU H 66 4.81 -33.02 -17.65
C LEU H 66 3.79 -32.09 -16.99
N ARG H 67 3.29 -31.09 -17.74
CA ARG H 67 2.37 -30.07 -17.21
C ARG H 67 1.47 -29.43 -18.26
N THR H 68 0.30 -29.00 -17.80
CA THR H 68 -0.64 -28.25 -18.62
C THR H 68 0.09 -27.04 -19.22
N GLY H 69 -0.02 -26.87 -20.54
CA GLY H 69 0.68 -25.79 -21.24
C GLY H 69 2.05 -26.10 -21.83
N ASP H 70 2.67 -27.19 -21.38
CA ASP H 70 3.95 -27.70 -21.92
C ASP H 70 3.82 -27.92 -23.41
N PHE H 71 4.81 -27.45 -24.17
CA PHE H 71 4.79 -27.67 -25.60
C PHE H 71 5.37 -29.06 -25.89
N LEU H 72 5.41 -29.40 -27.18
CA LEU H 72 5.98 -30.66 -27.71
C LEU H 72 7.02 -30.25 -28.73
N ILE H 73 8.28 -30.59 -28.47
CA ILE H 73 9.35 -30.24 -29.41
C ILE H 73 9.79 -31.51 -30.20
N GLU H 74 10.01 -32.61 -29.49
CA GLU H 74 10.42 -33.90 -30.08
C GLU H 74 9.57 -35.05 -29.58
N VAL H 75 9.16 -35.94 -30.46
CA VAL H 75 8.44 -37.14 -30.04
C VAL H 75 9.17 -38.34 -30.58
N ASN H 76 9.50 -39.28 -29.69
CA ASN H 76 10.20 -40.51 -30.07
C ASN H 76 11.30 -40.24 -31.14
N GLY H 77 12.11 -39.22 -30.88
CA GLY H 77 13.19 -38.82 -31.78
C GLY H 77 12.83 -37.84 -32.89
N VAL H 78 11.55 -37.79 -33.28
CA VAL H 78 11.10 -36.88 -34.35
C VAL H 78 10.72 -35.48 -33.85
N ASN H 79 11.39 -34.46 -34.41
CA ASN H 79 11.05 -33.08 -34.13
C ASN H 79 9.65 -32.84 -34.60
N VAL H 80 8.80 -32.34 -33.70
CA VAL H 80 7.42 -32.06 -34.07
C VAL H 80 7.09 -30.56 -33.97
N VAL H 81 8.12 -29.72 -33.85
CA VAL H 81 7.99 -28.27 -33.77
C VAL H 81 7.02 -27.65 -34.80
N LYS H 82 6.90 -28.27 -35.97
CA LYS H 82 6.07 -27.71 -37.05
C LYS H 82 5.08 -28.73 -37.63
N VAL H 83 4.72 -29.75 -36.84
CA VAL H 83 3.83 -30.83 -37.30
C VAL H 83 2.44 -30.80 -36.66
N GLY H 84 1.42 -31.19 -37.44
CA GLY H 84 0.00 -31.11 -37.04
C GLY H 84 -0.49 -32.26 -36.19
N HIS H 85 -1.74 -32.18 -35.73
CA HIS H 85 -2.28 -33.11 -34.72
C HIS H 85 -2.23 -34.59 -35.10
N LYS H 86 -2.62 -34.88 -36.33
CA LYS H 86 -2.79 -36.24 -36.83
C LYS H 86 -1.48 -37.04 -36.75
N GLN H 87 -0.46 -36.47 -37.37
CA GLN H 87 0.86 -37.08 -37.48
C GLN H 87 1.56 -37.22 -36.12
N VAL H 88 1.31 -36.28 -35.21
CA VAL H 88 1.91 -36.31 -33.86
C VAL H 88 1.24 -37.40 -32.98
N VAL H 89 -0.08 -37.57 -33.10
CA VAL H 89 -0.80 -38.67 -32.40
C VAL H 89 -0.32 -40.05 -32.88
N GLY H 90 -0.24 -40.23 -34.19
CA GLY H 90 0.37 -41.43 -34.80
C GLY H 90 1.79 -41.70 -34.34
N LEU H 91 2.49 -40.66 -33.89
CA LEU H 91 3.83 -40.80 -33.31
C LEU H 91 3.77 -41.07 -31.80
N ILE H 92 2.65 -40.68 -31.18
CA ILE H 92 2.38 -40.96 -29.77
C ILE H 92 1.91 -42.41 -29.63
N ARG H 93 1.16 -42.89 -30.61
CA ARG H 93 0.70 -44.26 -30.55
C ARG H 93 1.69 -45.35 -30.98
N GLN H 94 2.64 -45.00 -31.87
CA GLN H 94 3.60 -45.97 -32.41
C GLN H 94 4.38 -46.79 -31.38
N GLY H 95 4.65 -46.18 -30.22
CA GLY H 95 5.46 -46.81 -29.20
C GLY H 95 4.71 -47.68 -28.22
N GLY H 96 3.39 -47.76 -28.34
CA GLY H 96 2.59 -48.63 -27.45
C GLY H 96 2.62 -48.16 -26.00
N ASN H 97 3.05 -49.03 -25.08
CA ASN H 97 3.03 -48.66 -23.66
C ASN H 97 4.14 -47.66 -23.25
N ARG H 98 4.89 -47.16 -24.22
CA ARG H 98 5.99 -46.23 -23.90
C ARG H 98 6.07 -45.05 -24.82
N LEU H 99 6.51 -43.92 -24.27
CA LEU H 99 6.56 -42.65 -24.96
C LEU H 99 7.60 -41.74 -24.37
N VAL H 100 8.54 -41.32 -25.20
CA VAL H 100 9.55 -40.35 -24.81
C VAL H 100 9.30 -39.09 -25.60
N MET H 101 9.17 -38.00 -24.87
CA MET H 101 8.83 -36.71 -25.46
C MET H 101 9.74 -35.65 -24.92
N LYS H 102 10.32 -34.86 -25.83
CA LYS H 102 11.06 -33.68 -25.47
C LYS H 102 10.04 -32.57 -25.34
N VAL H 103 10.13 -31.78 -24.28
CA VAL H 103 9.17 -30.73 -24.04
C VAL H 103 9.91 -29.49 -23.53
N VAL H 104 9.15 -28.43 -23.27
CA VAL H 104 9.65 -27.13 -22.77
C VAL H 104 8.49 -26.38 -22.10
N SER H 105 8.73 -25.93 -20.87
CA SER H 105 7.79 -25.06 -20.15
C SER H 105 8.21 -23.60 -20.29
N VAL H 106 7.25 -22.69 -20.49
CA VAL H 106 7.56 -21.26 -20.60
C VAL H 106 6.68 -20.43 -19.67
N THR H 107 7.29 -19.93 -18.59
CA THR H 107 6.58 -19.03 -17.66
C THR H 107 7.10 -17.63 -17.75
#